data_3KK3
#
_entry.id   3KK3
#
_cell.length_a   166.998
_cell.length_b   169.070
_cell.length_c   96.398
_cell.angle_alpha   90.00
_cell.angle_beta   90.00
_cell.angle_gamma   90.00
#
_symmetry.space_group_name_H-M   'C 2 2 21'
#
loop_
_entity.id
_entity.type
_entity.pdbx_description
1 polymer 'Reverse transcriptase p66 subunit'
2 polymer 'Reverse transcriptase p51 subunit'
3 polymer "5'-D(*AP*CP*AP*GP*TP*CP*CP*CP*TP*GP*TP*TP*CP*GP*GP*GP*CP*GP*CP*C*(URT))-3'"
4 polymer "5'-D(*AP*TP*GP*GP*TP*TP*GP*GP*CP*GP*CP*CP*CP*GP*AP*AP*CP*AP*GP*GP*GP*AP*CP*TP*GP*TP*G)-3'"
5 non-polymer 'MAGNESIUM ION'
6 non-polymer 'SULFATE ION'
7 water water
#
loop_
_entity_poly.entity_id
_entity_poly.type
_entity_poly.pdbx_seq_one_letter_code
_entity_poly.pdbx_strand_id
1 'polypeptide(L)'
;PISPIETVPVKLKPGMDGPKVKQWPLTEEKIKALVEICTEMEKEGKISKIGPENPYNTPVFAIKKKDSTKWRKLVDFREL
NKRTQDFWEVQLGIPHPAGLKKKKSVTVLDVGDAYFSVPLDEDFRKYTAFTIPSINNETPGIRYQYNVLPQGWKGSPAIF
QSSMTKILEPFRKQNPDIVIYQYMDDLYVGSDLEIGQHRTKIEELRQHLLRWGLTTPDKKHQKEPPFLWMGYELHPDKWT
VQPIVLPEKDSWTVNDICKLVGKLNWASQIYPGIKVRQLSKLLRGTKALTEVIPLTEEAELELAENREILKEPVHGVYYD
PSKDLIAEIQKQGQGQWTYQIYQEPFKNLKTGKYARMRGAHTNDVKQLTEAVQKITTESIVIWGKTPKFKLPIQKETWET
WWTEYWQATWIPEWEFVNTPPLVKLWYQLEKEPIVGAETFYVDGAANRETKLGKAGYVTNRGRQKVVTLTDTTNQKTELQ
AIYLALQDSGLEVNIVTDSQYALGIIQAQPDQSESELVNQIIEQLIKKEKVYLAWVPAHKGIGGNEQVDKLVSAGIRKVL
;
A
2 'polypeptide(L)'
;MGSSHHHHHHSSPISPIETVPVKLKPGMDGPKVKQWPLTEEKIKALVEICTEMEKEGKISKIGPENPYNTPVFAIKKKDS
TKWRKLVDFRELNKRTQDFWEVQLGIPHPAGLKKKKSVTVLDVGDAYFSVPLDEDFRKYTAFTIPSINNETPGIRYQYNV
LPQGWKGSPAIFQSSMTKILEPFRKQNPDIVIYQYMDDLYVGSDLEIGQHRTKIEELRQHLLRWGLTTPDKKHQKEPPFL
WMGYELHPDKWTVQPIVLPEKDSWTVNDIQKLVGKLNWASQIYPGIKVRQLSKLLRGTKALTEVIPLTEEAELELAENRE
ILKEPVHGVYYDPSKDLIAEIQKQGQGQWTYQIYQEPFKNLKTGKYARMRGAHTNDVKQLTEAVQKITTESIVIWGKTPK
FKLPIQKETWETWWTEYWQATWIPEWEFVNTPPLVKLWYQLEKEPIVGAETF
;
B
3 'polydeoxyribonucleotide'
;(DA)(DC)(DA)(DG)(DT)(DC)(DC)(DC)(DT)(DG)(DT)(DT)(DC)(DG)(DG)(DG)(DC)(DG)(DC)(DC)
(URT)
;
P
4 'polydeoxyribonucleotide'
;(DA)(DT)(DG)(DG)(DT)(DT)(DG)(DG)(DC)(DG)(DC)(DC)(DC)(DG)(DA)(DA)(DC)(DA)(DG)(DG)
(DG)(DA)(DC)(DT)(DG)(DT)(DG)
;
T
#
loop_
_chem_comp.id
_chem_comp.type
_chem_comp.name
_chem_comp.formula
DA DNA linking 2'-DEOXYADENOSINE-5'-MONOPHOSPHATE 'C10 H14 N5 O6 P'
DC DNA linking 2'-DEOXYCYTIDINE-5'-MONOPHOSPHATE 'C9 H14 N3 O7 P'
DG DNA linking 2'-DEOXYGUANOSINE-5'-MONOPHOSPHATE 'C10 H14 N5 O7 P'
DT DNA linking THYMIDINE-5'-MONOPHOSPHATE 'C10 H15 N2 O8 P'
MG non-polymer 'MAGNESIUM ION' 'Mg 2'
SO4 non-polymer 'SULFATE ION' 'O4 S -2'
URT DNA OH 3 prime terminus '({[(2R,5R)-5-(6-amino-9H-purin-9-yl)-4-fluoro-2,5-dihydrofuran-2-yl]oxy}methyl)phosphonic acid' 'C10 H11 F N5 O5 P'
#
# COMPACT_ATOMS: atom_id res chain seq x y z
N PRO A 1 -28.55 -10.51 -31.08
CA PRO A 1 -29.49 -9.36 -31.26
C PRO A 1 -28.71 -8.09 -30.96
N ILE A 2 -29.42 -7.06 -30.54
CA ILE A 2 -28.82 -6.09 -29.65
C ILE A 2 -29.48 -6.25 -28.29
N SER A 3 -28.68 -6.57 -27.28
CA SER A 3 -29.14 -6.52 -25.91
C SER A 3 -30.06 -5.31 -25.72
N PRO A 4 -31.24 -5.53 -25.16
CA PRO A 4 -32.26 -4.50 -24.91
C PRO A 4 -31.75 -3.51 -23.88
N ILE A 5 -30.51 -3.70 -23.45
CA ILE A 5 -29.98 -2.94 -22.32
C ILE A 5 -29.69 -1.51 -22.71
N GLU A 6 -29.61 -0.65 -21.70
CA GLU A 6 -29.46 0.78 -21.93
C GLU A 6 -28.01 1.07 -22.21
N THR A 7 -27.74 1.98 -23.14
CA THR A 7 -26.37 2.40 -23.35
C THR A 7 -25.81 3.06 -22.11
N VAL A 8 -24.48 3.13 -22.07
CA VAL A 8 -23.71 3.80 -21.02
C VAL A 8 -23.18 5.09 -21.60
N PRO A 9 -23.60 6.24 -21.04
CA PRO A 9 -23.26 7.55 -21.57
C PRO A 9 -21.75 7.71 -21.68
N VAL A 10 -21.30 8.24 -22.82
CA VAL A 10 -19.87 8.42 -23.06
C VAL A 10 -19.61 9.80 -23.66
N LYS A 11 -18.56 10.46 -23.20
CA LYS A 11 -18.22 11.75 -23.72
C LYS A 11 -16.75 11.75 -24.11
N LEU A 12 -16.37 12.67 -24.98
CA LEU A 12 -14.95 12.91 -25.23
C LEU A 12 -14.45 13.81 -24.12
N LYS A 13 -13.16 13.73 -23.81
CA LYS A 13 -12.57 14.63 -22.86
C LYS A 13 -12.88 16.04 -23.35
N PRO A 14 -13.11 16.98 -22.42
CA PRO A 14 -13.56 18.34 -22.75
C PRO A 14 -12.61 19.06 -23.70
N GLY A 15 -13.18 19.81 -24.65
CA GLY A 15 -12.36 20.61 -25.53
C GLY A 15 -11.77 19.87 -26.73
N MET A 16 -12.00 18.56 -26.81
CA MET A 16 -11.42 17.76 -27.87
C MET A 16 -12.47 17.23 -28.82
N ASP A 17 -12.18 17.23 -30.10
CA ASP A 17 -13.10 16.68 -31.06
C ASP A 17 -12.66 15.28 -31.41
N GLY A 18 -13.41 14.63 -32.28
CA GLY A 18 -13.14 13.24 -32.62
C GLY A 18 -11.85 13.04 -33.36
N PRO A 19 -11.62 11.84 -33.88
CA PRO A 19 -10.42 11.52 -34.65
C PRO A 19 -10.58 11.91 -36.12
N LYS A 20 -9.50 12.43 -36.70
CA LYS A 20 -9.44 12.70 -38.14
C LYS A 20 -8.19 12.01 -38.69
N VAL A 21 -8.19 10.69 -38.67
CA VAL A 21 -7.00 9.95 -39.03
C VAL A 21 -7.14 9.24 -40.38
N LYS A 22 -6.05 9.25 -41.14
CA LYS A 22 -6.07 8.85 -42.54
C LYS A 22 -5.96 7.34 -42.70
N GLN A 23 -6.96 6.76 -43.34
CA GLN A 23 -6.99 5.31 -43.50
C GLN A 23 -5.75 4.94 -44.31
N TRP A 24 -4.78 4.28 -43.68
CA TRP A 24 -3.58 3.88 -44.41
C TRP A 24 -3.77 2.58 -45.18
N PRO A 25 -2.94 2.35 -46.22
CA PRO A 25 -3.11 1.31 -47.26
C PRO A 25 -3.05 -0.13 -46.76
N LEU A 26 -3.79 -1.01 -47.43
CA LEU A 26 -3.85 -2.43 -47.06
C LEU A 26 -3.99 -3.32 -48.31
N THR A 27 -3.55 -4.57 -48.20
CA THR A 27 -3.60 -5.48 -49.34
C THR A 27 -5.05 -5.67 -49.79
N GLU A 28 -5.24 -5.98 -51.06
CA GLU A 28 -6.57 -6.19 -51.59
C GLU A 28 -7.18 -7.43 -50.93
N GLU A 29 -6.31 -8.31 -50.42
CA GLU A 29 -6.74 -9.57 -49.83
C GLU A 29 -7.37 -9.35 -48.45
N LYS A 30 -6.92 -8.29 -47.78
CA LYS A 30 -7.58 -7.79 -46.57
C LYS A 30 -8.80 -6.95 -46.97
N ILE A 31 -8.57 -6.03 -47.91
CA ILE A 31 -9.63 -5.12 -48.38
C ILE A 31 -10.87 -5.86 -48.83
N LYS A 32 -10.70 -7.06 -49.37
CA LYS A 32 -11.84 -7.90 -49.66
C LYS A 32 -12.29 -8.56 -48.37
N ALA A 33 -11.32 -9.05 -47.60
CA ALA A 33 -11.62 -9.71 -46.34
C ALA A 33 -12.39 -8.80 -45.37
N LEU A 34 -12.07 -7.51 -45.39
CA LEU A 34 -12.73 -6.53 -44.55
C LEU A 34 -14.11 -6.18 -45.11
N VAL A 35 -14.23 -6.16 -46.43
CA VAL A 35 -15.54 -5.90 -47.02
C VAL A 35 -16.50 -7.04 -46.65
N GLU A 36 -15.96 -8.25 -46.53
CA GLU A 36 -16.77 -9.41 -46.19
C GLU A 36 -17.27 -9.30 -44.77
N ILE A 37 -16.38 -8.88 -43.88
CA ILE A 37 -16.71 -8.68 -42.49
C ILE A 37 -17.67 -7.51 -42.37
N CYS A 38 -17.30 -6.37 -42.95
CA CYS A 38 -18.10 -5.16 -42.81
C CYS A 38 -19.41 -5.21 -43.57
N THR A 39 -19.72 -6.35 -44.19
CA THR A 39 -21.00 -6.49 -44.89
C THR A 39 -22.02 -7.23 -44.01
N GLU A 40 -21.57 -8.30 -43.37
CA GLU A 40 -22.44 -9.08 -42.52
C GLU A 40 -22.73 -8.23 -41.30
N MET A 41 -21.71 -7.51 -40.84
CA MET A 41 -21.84 -6.63 -39.70
C MET A 41 -22.86 -5.53 -39.98
N GLU A 42 -22.87 -5.08 -41.22
CA GLU A 42 -23.84 -4.09 -41.68
C GLU A 42 -25.21 -4.73 -41.80
N LYS A 43 -25.21 -5.99 -42.21
CA LYS A 43 -26.44 -6.78 -42.30
C LYS A 43 -27.07 -6.91 -40.92
N GLU A 44 -26.24 -6.87 -39.89
CA GLU A 44 -26.73 -7.12 -38.55
C GLU A 44 -26.61 -5.93 -37.62
N GLY A 45 -26.85 -4.74 -38.15
CA GLY A 45 -27.01 -3.57 -37.29
C GLY A 45 -25.85 -3.22 -36.37
N LYS A 46 -24.76 -3.97 -36.46
CA LYS A 46 -23.59 -3.70 -35.65
C LYS A 46 -22.86 -2.46 -36.17
N ILE A 47 -22.93 -2.24 -37.49
CA ILE A 47 -22.34 -1.03 -38.10
C ILE A 47 -23.27 -0.37 -39.11
N SER A 48 -23.42 0.95 -39.01
CA SER A 48 -24.22 1.73 -39.96
C SER A 48 -23.33 2.47 -40.94
N LYS A 49 -23.59 2.32 -42.24
CA LYS A 49 -22.90 3.08 -43.27
C LYS A 49 -23.26 4.57 -43.15
N ILE A 50 -22.25 5.43 -43.20
CA ILE A 50 -22.48 6.85 -43.02
C ILE A 50 -22.10 7.63 -44.26
N GLY A 51 -22.66 8.84 -44.39
CA GLY A 51 -22.32 9.71 -45.50
C GLY A 51 -21.11 10.60 -45.26
N PRO A 52 -20.93 11.63 -46.10
CA PRO A 52 -19.78 12.55 -46.06
C PRO A 52 -19.87 13.61 -44.96
N GLU A 53 -20.97 13.58 -44.20
CA GLU A 53 -21.17 14.53 -43.12
C GLU A 53 -20.63 14.02 -41.79
N ASN A 54 -19.87 12.94 -41.84
CA ASN A 54 -19.09 12.49 -40.70
C ASN A 54 -17.64 12.89 -40.97
N PRO A 55 -17.14 13.92 -40.27
CA PRO A 55 -15.79 14.46 -40.45
C PRO A 55 -14.68 13.47 -40.08
N TYR A 56 -15.05 12.52 -39.22
CA TYR A 56 -14.10 11.67 -38.52
C TYR A 56 -13.69 10.43 -39.31
N ASN A 57 -12.55 9.88 -38.94
CA ASN A 57 -12.14 8.58 -39.41
C ASN A 57 -10.97 8.07 -38.60
N THR A 58 -11.01 6.78 -38.29
CA THR A 58 -9.89 6.12 -37.67
C THR A 58 -9.58 4.84 -38.42
N PRO A 59 -8.28 4.50 -38.53
CA PRO A 59 -7.70 3.40 -39.30
C PRO A 59 -8.17 2.00 -38.89
N VAL A 60 -8.55 1.20 -39.88
CA VAL A 60 -8.97 -0.16 -39.63
C VAL A 60 -8.16 -1.15 -40.47
N PHE A 61 -7.26 -1.87 -39.83
CA PHE A 61 -6.53 -2.93 -40.50
C PHE A 61 -7.23 -4.26 -40.29
N ALA A 62 -6.57 -5.34 -40.69
CA ALA A 62 -7.10 -6.69 -40.50
C ALA A 62 -5.97 -7.70 -40.52
N ILE A 63 -6.12 -8.78 -39.75
CA ILE A 63 -5.09 -9.80 -39.65
C ILE A 63 -5.72 -11.17 -39.48
N LYS A 64 -5.11 -12.19 -40.07
CA LYS A 64 -5.56 -13.56 -39.91
C LYS A 64 -5.26 -14.02 -38.48
N LYS A 65 -6.18 -14.80 -37.89
CA LYS A 65 -6.06 -15.15 -36.48
C LYS A 65 -6.09 -16.65 -36.18
N LYS A 66 -5.04 -17.11 -35.51
CA LYS A 66 -4.98 -18.44 -34.93
C LYS A 66 -5.30 -19.57 -35.91
N ASP A 67 -4.34 -19.86 -36.78
CA ASP A 67 -4.32 -21.11 -37.54
C ASP A 67 -5.53 -21.34 -38.45
N SER A 68 -6.40 -20.36 -38.54
CA SER A 68 -7.58 -20.50 -39.39
C SER A 68 -7.37 -19.94 -40.79
N THR A 69 -6.42 -19.01 -40.92
CA THR A 69 -6.31 -18.16 -42.11
C THR A 69 -7.64 -17.44 -42.34
N LYS A 70 -8.41 -17.29 -41.26
CA LYS A 70 -9.58 -16.41 -41.27
C LYS A 70 -9.10 -15.03 -40.83
N TRP A 71 -9.48 -14.01 -41.58
CA TRP A 71 -9.14 -12.66 -41.20
C TRP A 71 -10.04 -12.27 -40.03
N ARG A 72 -9.54 -11.33 -39.21
CA ARG A 72 -10.33 -10.79 -38.12
C ARG A 72 -10.22 -9.28 -38.08
N LYS A 73 -11.34 -8.60 -38.28
CA LYS A 73 -11.38 -7.15 -38.31
C LYS A 73 -10.61 -6.58 -37.13
N LEU A 74 -10.16 -5.33 -37.26
CA LEU A 74 -9.53 -4.68 -36.14
C LEU A 74 -9.22 -3.22 -36.40
N VAL A 75 -9.81 -2.35 -35.60
CA VAL A 75 -9.59 -0.93 -35.72
C VAL A 75 -8.55 -0.44 -34.73
N ASP A 76 -7.80 0.57 -35.14
CA ASP A 76 -6.78 1.16 -34.30
C ASP A 76 -7.35 2.47 -33.74
N PHE A 77 -8.00 2.38 -32.59
CA PHE A 77 -8.64 3.54 -31.99
C PHE A 77 -7.70 4.34 -31.10
N ARG A 78 -6.40 4.17 -31.30
CA ARG A 78 -5.45 4.75 -30.36
C ARG A 78 -5.73 6.24 -30.15
N GLU A 79 -6.26 6.90 -31.17
CA GLU A 79 -6.55 8.33 -31.08
C GLU A 79 -7.87 8.64 -30.41
N LEU A 80 -8.89 7.87 -30.74
CA LEU A 80 -10.18 8.02 -30.10
C LEU A 80 -10.00 7.78 -28.61
N ASN A 81 -9.18 6.80 -28.25
CA ASN A 81 -8.98 6.48 -26.84
C ASN A 81 -8.34 7.66 -26.15
N LYS A 82 -7.42 8.33 -26.83
CA LYS A 82 -6.79 9.52 -26.29
C LYS A 82 -7.80 10.60 -26.01
N ARG A 83 -8.81 10.71 -26.87
CA ARG A 83 -9.79 11.78 -26.77
C ARG A 83 -11.04 11.38 -25.99
N THR A 84 -11.25 10.07 -25.83
CA THR A 84 -12.31 9.56 -24.97
C THR A 84 -12.11 9.96 -23.51
N GLN A 85 -13.22 10.03 -22.78
CA GLN A 85 -13.20 10.34 -21.36
C GLN A 85 -12.38 9.30 -20.66
N ASP A 86 -12.01 9.60 -19.43
CA ASP A 86 -11.48 8.58 -18.53
C ASP A 86 -12.62 7.67 -18.10
N PHE A 87 -12.27 6.47 -17.67
CA PHE A 87 -13.25 5.57 -17.09
C PHE A 87 -12.70 5.11 -15.76
N TRP A 88 -13.56 4.59 -14.90
CA TRP A 88 -13.05 3.81 -13.79
C TRP A 88 -13.20 2.34 -14.10
N GLU A 89 -12.08 1.67 -14.31
CA GLU A 89 -12.07 0.26 -14.65
C GLU A 89 -12.68 -0.57 -13.52
N VAL A 90 -13.63 -1.46 -13.84
CA VAL A 90 -14.27 -2.28 -12.80
C VAL A 90 -13.68 -3.67 -12.60
N GLN A 91 -12.85 -4.15 -13.52
CA GLN A 91 -12.22 -5.45 -13.34
C GLN A 91 -11.02 -5.29 -12.44
N LEU A 92 -11.11 -5.81 -11.22
CA LEU A 92 -10.16 -5.44 -10.17
C LEU A 92 -9.05 -6.47 -10.06
N GLY A 93 -9.28 -7.65 -10.62
CA GLY A 93 -8.38 -8.76 -10.39
C GLY A 93 -8.83 -9.96 -11.18
N ILE A 94 -8.11 -11.06 -11.05
CA ILE A 94 -8.44 -12.27 -11.79
C ILE A 94 -8.84 -13.44 -10.89
N PRO A 95 -9.97 -14.07 -11.18
CA PRO A 95 -10.42 -15.19 -10.35
C PRO A 95 -9.36 -16.27 -10.30
N HIS A 96 -9.07 -16.78 -9.10
CA HIS A 96 -8.13 -17.88 -8.99
C HIS A 96 -8.80 -19.18 -8.60
N PRO A 97 -8.40 -20.28 -9.22
CA PRO A 97 -9.00 -21.61 -9.01
C PRO A 97 -9.13 -22.04 -7.56
N ALA A 98 -8.27 -21.51 -6.71
CA ALA A 98 -8.20 -21.98 -5.34
C ALA A 98 -9.19 -21.27 -4.44
N GLY A 99 -9.83 -20.23 -4.95
CA GLY A 99 -10.84 -19.58 -4.16
C GLY A 99 -12.17 -20.21 -4.50
N LEU A 100 -12.10 -21.06 -5.51
CA LEU A 100 -13.23 -21.89 -5.93
C LEU A 100 -13.47 -22.92 -4.85
N LYS A 101 -14.72 -23.01 -4.40
CA LYS A 101 -15.10 -24.06 -3.48
C LYS A 101 -15.55 -25.25 -4.31
N LYS A 102 -15.33 -26.46 -3.79
CA LYS A 102 -15.81 -27.66 -4.45
C LYS A 102 -17.34 -27.62 -4.51
N LYS A 103 -17.90 -27.58 -5.72
CA LYS A 103 -19.36 -27.66 -5.91
C LYS A 103 -19.67 -29.06 -6.45
N LYS A 104 -20.93 -29.48 -6.39
CA LYS A 104 -21.23 -30.82 -6.83
C LYS A 104 -21.33 -30.88 -8.33
N SER A 105 -21.80 -29.79 -8.92
CA SER A 105 -22.03 -29.70 -10.36
C SER A 105 -21.45 -28.43 -10.96
N VAL A 106 -20.68 -28.58 -12.02
CA VAL A 106 -20.03 -27.44 -12.65
C VAL A 106 -20.28 -27.30 -14.15
N THR A 107 -20.41 -26.06 -14.59
CA THR A 107 -20.53 -25.73 -16.01
C THR A 107 -19.67 -24.51 -16.32
N VAL A 108 -19.07 -24.52 -17.50
CA VAL A 108 -18.37 -23.37 -18.02
C VAL A 108 -18.98 -23.03 -19.36
N LEU A 109 -19.34 -21.78 -19.58
CA LEU A 109 -19.83 -21.36 -20.88
C LEU A 109 -19.42 -19.93 -21.20
N ASP A 110 -19.14 -19.68 -22.47
CA ASP A 110 -18.68 -18.38 -22.95
C ASP A 110 -19.80 -17.62 -23.64
N VAL A 111 -19.75 -16.29 -23.60
CA VAL A 111 -20.74 -15.47 -24.30
C VAL A 111 -20.30 -15.04 -25.70
N GLY A 112 -21.09 -15.43 -26.70
CA GLY A 112 -20.73 -15.17 -28.09
C GLY A 112 -20.99 -13.78 -28.61
N ASP A 113 -20.04 -13.28 -29.41
CA ASP A 113 -20.12 -11.95 -29.99
C ASP A 113 -20.49 -10.91 -28.96
N ALA A 114 -19.92 -11.09 -27.77
CA ALA A 114 -20.25 -10.26 -26.61
C ALA A 114 -20.20 -8.73 -26.85
N TYR A 115 -19.06 -8.17 -27.25
CA TYR A 115 -18.99 -6.71 -27.43
C TYR A 115 -20.02 -6.24 -28.44
N PHE A 116 -20.25 -7.05 -29.46
CA PHE A 116 -21.15 -6.68 -30.55
C PHE A 116 -22.59 -6.92 -30.19
N SER A 117 -22.83 -7.35 -28.95
CA SER A 117 -24.18 -7.63 -28.51
C SER A 117 -24.61 -6.57 -27.51
N VAL A 118 -23.80 -5.53 -27.41
CA VAL A 118 -24.00 -4.44 -26.45
C VAL A 118 -24.04 -3.12 -27.19
N PRO A 119 -25.06 -2.30 -26.93
CA PRO A 119 -25.19 -1.05 -27.68
C PRO A 119 -24.21 -0.02 -27.19
N LEU A 120 -23.59 0.67 -28.16
CA LEU A 120 -22.79 1.87 -27.88
C LEU A 120 -23.70 3.10 -27.84
N ASP A 121 -23.43 4.00 -26.89
CA ASP A 121 -24.17 5.25 -26.77
C ASP A 121 -24.26 5.95 -28.12
N GLU A 122 -25.48 6.28 -28.54
CA GLU A 122 -25.70 6.73 -29.90
C GLU A 122 -25.00 8.06 -30.19
N ASP A 123 -24.93 8.93 -29.20
CA ASP A 123 -24.39 10.27 -29.40
C ASP A 123 -22.87 10.24 -29.50
N PHE A 124 -22.28 9.13 -29.08
CA PHE A 124 -20.84 8.94 -29.21
C PHE A 124 -20.54 8.17 -30.49
N ARG A 125 -21.56 7.50 -31.03
CA ARG A 125 -21.37 6.56 -32.12
C ARG A 125 -20.55 7.09 -33.29
N LYS A 126 -20.68 8.39 -33.58
CA LYS A 126 -20.12 8.97 -34.81
C LYS A 126 -18.60 9.11 -34.78
N TYR A 127 -18.01 9.03 -33.60
CA TYR A 127 -16.56 9.20 -33.49
C TYR A 127 -15.86 7.93 -33.88
N THR A 128 -16.63 6.87 -34.06
CA THR A 128 -16.09 5.56 -34.40
C THR A 128 -16.01 5.36 -35.90
N ALA A 129 -16.30 6.42 -36.66
CA ALA A 129 -16.26 6.33 -38.11
C ALA A 129 -14.91 5.80 -38.59
N PHE A 130 -14.96 4.77 -39.42
CA PHE A 130 -13.77 4.25 -40.07
C PHE A 130 -14.11 4.04 -41.52
N THR A 131 -13.10 4.04 -42.39
CA THR A 131 -13.35 3.82 -43.79
C THR A 131 -12.53 2.62 -44.22
N ILE A 132 -13.16 1.71 -44.95
CA ILE A 132 -12.45 0.54 -45.48
C ILE A 132 -11.86 0.89 -46.85
N PRO A 133 -10.54 0.71 -47.01
CA PRO A 133 -9.83 1.32 -48.14
C PRO A 133 -10.09 0.63 -49.47
N SER A 134 -10.53 1.40 -50.47
CA SER A 134 -10.55 0.88 -51.84
C SER A 134 -9.10 0.55 -52.15
N ILE A 135 -8.90 -0.37 -53.09
CA ILE A 135 -7.62 -1.07 -53.23
C ILE A 135 -6.45 -0.10 -53.38
N ASN A 136 -6.75 1.19 -53.50
CA ASN A 136 -5.71 2.21 -53.65
C ASN A 136 -6.31 3.61 -53.50
N ASN A 137 -5.76 4.56 -54.24
CA ASN A 137 -6.26 5.93 -54.25
C ASN A 137 -7.64 5.95 -54.88
N GLU A 138 -7.88 4.98 -55.76
CA GLU A 138 -9.00 4.96 -56.69
C GLU A 138 -10.35 5.44 -56.15
N THR A 139 -10.96 4.65 -55.28
CA THR A 139 -12.30 4.94 -54.80
C THR A 139 -12.27 5.54 -53.40
N PRO A 140 -13.15 6.51 -53.14
CA PRO A 140 -13.45 6.83 -51.74
C PRO A 140 -14.02 5.57 -51.12
N GLY A 141 -13.33 5.01 -50.14
CA GLY A 141 -13.76 3.76 -49.55
C GLY A 141 -15.12 3.87 -48.89
N ILE A 142 -15.63 2.75 -48.37
CA ILE A 142 -16.92 2.76 -47.70
C ILE A 142 -16.77 3.36 -46.31
N ARG A 143 -17.65 4.30 -45.97
CA ARG A 143 -17.66 4.86 -44.62
C ARG A 143 -18.62 4.05 -43.78
N TYR A 144 -18.22 3.81 -42.54
CA TYR A 144 -19.04 3.09 -41.58
C TYR A 144 -18.86 3.71 -40.19
N GLN A 145 -19.93 3.75 -39.40
CA GLN A 145 -19.79 3.93 -37.96
C GLN A 145 -20.32 2.75 -37.16
N TYR A 146 -19.97 2.72 -35.88
CA TYR A 146 -20.18 1.56 -35.05
C TYR A 146 -21.45 1.73 -34.23
N ASN A 147 -22.24 0.67 -34.13
CA ASN A 147 -23.46 0.72 -33.36
C ASN A 147 -23.34 -0.02 -32.03
N VAL A 148 -22.38 -0.93 -31.94
CA VAL A 148 -22.16 -1.70 -30.73
C VAL A 148 -20.80 -1.34 -30.16
N LEU A 149 -20.29 -2.16 -29.26
CA LEU A 149 -18.99 -1.90 -28.63
C LEU A 149 -17.88 -2.33 -29.54
N PRO A 150 -17.06 -1.38 -29.98
CA PRO A 150 -16.00 -1.67 -30.95
C PRO A 150 -14.89 -2.43 -30.26
N GLN A 151 -14.24 -3.32 -31.00
CA GLN A 151 -13.01 -3.92 -30.54
C GLN A 151 -11.95 -2.84 -30.51
N GLY A 152 -11.13 -2.81 -29.45
CA GLY A 152 -9.96 -1.95 -29.46
C GLY A 152 -10.20 -0.51 -29.02
N TRP A 153 -11.40 -0.22 -28.54
CA TRP A 153 -11.65 1.10 -27.96
C TRP A 153 -11.54 1.09 -26.42
N LYS A 154 -10.61 1.87 -25.91
CA LYS A 154 -10.47 2.14 -24.47
C LYS A 154 -11.68 1.79 -23.57
N GLY A 155 -12.90 2.05 -24.03
CA GLY A 155 -14.02 1.96 -23.12
C GLY A 155 -14.72 0.62 -23.13
N SER A 156 -14.55 -0.14 -24.20
CA SER A 156 -15.40 -1.30 -24.44
C SER A 156 -15.30 -2.39 -23.37
N PRO A 157 -14.09 -2.69 -22.90
CA PRO A 157 -14.05 -3.73 -21.88
C PRO A 157 -14.94 -3.37 -20.71
N ALA A 158 -14.56 -2.34 -19.96
CA ALA A 158 -15.36 -1.88 -18.81
C ALA A 158 -16.87 -1.86 -19.03
N ILE A 159 -17.32 -1.11 -20.02
CA ILE A 159 -18.73 -0.94 -20.23
C ILE A 159 -19.36 -2.30 -20.44
N PHE A 160 -18.60 -3.27 -20.93
CA PHE A 160 -19.15 -4.59 -21.09
C PHE A 160 -19.20 -5.42 -19.80
N GLN A 161 -18.16 -5.33 -18.98
CA GLN A 161 -18.14 -5.99 -17.70
C GLN A 161 -19.28 -5.43 -16.85
N SER A 162 -19.43 -4.11 -16.90
CA SER A 162 -20.49 -3.43 -16.19
C SER A 162 -21.86 -3.95 -16.62
N SER A 163 -22.09 -3.98 -17.93
CA SER A 163 -23.35 -4.43 -18.46
C SER A 163 -23.56 -5.89 -18.12
N MET A 164 -22.50 -6.68 -18.20
CA MET A 164 -22.60 -8.08 -17.91
C MET A 164 -23.15 -8.25 -16.48
N THR A 165 -22.52 -7.59 -15.54
CA THR A 165 -22.96 -7.60 -14.16
C THR A 165 -24.44 -7.25 -14.05
N LYS A 166 -24.80 -6.13 -14.65
CA LYS A 166 -26.13 -5.58 -14.53
C LYS A 166 -27.18 -6.50 -15.16
N ILE A 167 -26.77 -7.31 -16.14
CA ILE A 167 -27.63 -8.35 -16.74
C ILE A 167 -27.76 -9.61 -15.89
N LEU A 168 -26.67 -9.99 -15.22
CA LEU A 168 -26.67 -11.20 -14.43
C LEU A 168 -27.35 -10.99 -13.09
N GLU A 169 -27.46 -9.73 -12.67
CA GLU A 169 -28.00 -9.45 -11.33
C GLU A 169 -29.37 -10.13 -11.14
N PRO A 170 -30.35 -9.81 -12.00
CA PRO A 170 -31.64 -10.50 -11.89
C PRO A 170 -31.52 -11.99 -11.61
N PHE A 171 -30.74 -12.72 -12.41
CA PHE A 171 -30.57 -14.16 -12.20
C PHE A 171 -29.92 -14.45 -10.85
N ARG A 172 -28.94 -13.64 -10.50
CA ARG A 172 -28.22 -13.84 -9.27
C ARG A 172 -29.16 -13.67 -8.05
N LYS A 173 -29.99 -12.62 -8.07
CA LYS A 173 -31.00 -12.45 -7.03
C LYS A 173 -31.77 -13.76 -6.86
N GLN A 174 -32.29 -14.27 -7.96
CA GLN A 174 -33.20 -15.40 -7.93
C GLN A 174 -32.57 -16.74 -7.67
N ASN A 175 -31.26 -16.82 -7.83
CA ASN A 175 -30.56 -18.09 -7.67
C ASN A 175 -29.39 -17.89 -6.74
N PRO A 176 -29.66 -17.38 -5.54
CA PRO A 176 -28.61 -16.98 -4.61
C PRO A 176 -27.64 -18.10 -4.32
N ASP A 177 -28.00 -19.31 -4.67
CA ASP A 177 -27.18 -20.44 -4.30
C ASP A 177 -26.50 -21.06 -5.51
N ILE A 178 -26.80 -20.49 -6.69
CA ILE A 178 -25.97 -20.64 -7.89
C ILE A 178 -24.82 -19.62 -7.81
N VAL A 179 -23.58 -20.11 -7.88
CA VAL A 179 -22.43 -19.22 -7.92
C VAL A 179 -21.97 -19.01 -9.35
N ILE A 180 -21.85 -17.76 -9.77
CA ILE A 180 -21.45 -17.49 -11.13
C ILE A 180 -20.18 -16.68 -11.12
N TYR A 181 -19.09 -17.25 -11.63
CA TYR A 181 -17.87 -16.49 -11.82
C TYR A 181 -17.88 -15.85 -13.18
N GLN A 182 -17.60 -14.55 -13.22
CA GLN A 182 -17.89 -13.76 -14.40
C GLN A 182 -16.65 -13.03 -14.87
N TYR A 183 -15.94 -13.61 -15.83
CA TYR A 183 -14.77 -12.95 -16.35
C TYR A 183 -14.93 -12.56 -17.81
N MET A 184 -14.99 -11.27 -18.09
CA MET A 184 -15.36 -10.79 -19.41
C MET A 184 -16.56 -11.56 -19.91
N ASP A 185 -16.44 -12.22 -21.05
CA ASP A 185 -17.55 -13.00 -21.56
C ASP A 185 -17.52 -14.47 -21.11
N ASP A 186 -16.63 -14.79 -20.18
CA ASP A 186 -16.53 -16.14 -19.63
C ASP A 186 -17.44 -16.36 -18.41
N LEU A 187 -18.10 -17.50 -18.36
CA LEU A 187 -18.91 -17.83 -17.21
C LEU A 187 -18.59 -19.21 -16.67
N TYR A 188 -18.18 -19.26 -15.42
CA TYR A 188 -18.15 -20.48 -14.64
C TYR A 188 -19.39 -20.43 -13.74
N VAL A 189 -20.11 -21.54 -13.68
CA VAL A 189 -21.34 -21.61 -12.92
C VAL A 189 -21.31 -22.88 -12.11
N GLY A 190 -21.51 -22.74 -10.82
CA GLY A 190 -21.37 -23.90 -9.97
C GLY A 190 -22.48 -24.05 -8.97
N SER A 191 -22.86 -25.29 -8.69
CA SER A 191 -23.93 -25.54 -7.76
C SER A 191 -23.76 -26.85 -7.04
N ASP A 192 -24.46 -26.96 -5.93
CA ASP A 192 -24.50 -28.15 -5.12
C ASP A 192 -25.76 -28.92 -5.52
N LEU A 193 -25.92 -29.15 -6.82
CA LEU A 193 -27.11 -29.83 -7.35
C LEU A 193 -26.72 -31.10 -8.09
N GLU A 194 -27.72 -31.96 -8.30
CA GLU A 194 -27.60 -33.14 -9.15
C GLU A 194 -27.63 -32.62 -10.58
N ILE A 195 -26.82 -33.20 -11.48
CA ILE A 195 -26.68 -32.59 -12.81
C ILE A 195 -28.00 -32.24 -13.43
N GLY A 196 -28.91 -33.19 -13.43
CA GLY A 196 -30.22 -32.91 -14.01
C GLY A 196 -30.73 -31.52 -13.71
N GLN A 197 -30.91 -31.20 -12.43
CA GLN A 197 -31.47 -29.92 -12.00
C GLN A 197 -30.45 -28.80 -12.16
N HIS A 198 -29.19 -29.12 -11.91
CA HIS A 198 -28.11 -28.19 -12.24
C HIS A 198 -28.25 -27.75 -13.68
N ARG A 199 -28.30 -28.72 -14.58
CA ARG A 199 -28.41 -28.48 -16.00
C ARG A 199 -29.57 -27.59 -16.32
N THR A 200 -30.69 -27.78 -15.62
CA THR A 200 -31.85 -26.94 -15.85
C THR A 200 -31.54 -25.50 -15.53
N LYS A 201 -30.96 -25.28 -14.36
CA LYS A 201 -30.61 -23.95 -13.91
C LYS A 201 -29.77 -23.26 -14.98
N ILE A 202 -28.92 -24.03 -15.66
CA ILE A 202 -28.06 -23.49 -16.69
C ILE A 202 -28.87 -23.02 -17.89
N GLU A 203 -29.72 -23.88 -18.42
CA GLU A 203 -30.49 -23.50 -19.60
C GLU A 203 -31.30 -22.29 -19.22
N GLU A 204 -31.59 -22.20 -17.94
CA GLU A 204 -32.43 -21.13 -17.39
C GLU A 204 -31.61 -19.86 -17.41
N LEU A 205 -30.30 -20.02 -17.28
CA LEU A 205 -29.35 -18.91 -17.37
C LEU A 205 -29.19 -18.47 -18.82
N ARG A 206 -29.15 -19.45 -19.72
CA ARG A 206 -28.92 -19.18 -21.12
C ARG A 206 -30.16 -18.58 -21.78
N GLN A 207 -31.33 -18.84 -21.20
CA GLN A 207 -32.54 -18.23 -21.68
C GLN A 207 -32.56 -16.79 -21.21
N HIS A 208 -32.17 -16.57 -19.96
CA HIS A 208 -32.06 -15.22 -19.44
C HIS A 208 -31.09 -14.44 -20.29
N LEU A 209 -29.98 -15.09 -20.62
CA LEU A 209 -28.97 -14.45 -21.42
C LEU A 209 -29.52 -14.15 -22.80
N LEU A 210 -30.27 -15.09 -23.33
CA LEU A 210 -30.75 -14.92 -24.68
C LEU A 210 -31.74 -13.75 -24.69
N ARG A 211 -32.62 -13.67 -23.70
CA ARG A 211 -33.56 -12.55 -23.60
C ARG A 211 -32.87 -11.20 -23.47
N TRP A 212 -31.57 -11.19 -23.21
CA TRP A 212 -30.84 -9.94 -23.12
C TRP A 212 -29.88 -9.72 -24.29
N GLY A 213 -30.02 -10.55 -25.31
CA GLY A 213 -29.21 -10.37 -26.50
C GLY A 213 -27.85 -11.06 -26.40
N LEU A 214 -27.70 -11.97 -25.45
CA LEU A 214 -26.41 -12.63 -25.27
C LEU A 214 -26.42 -14.13 -25.57
N THR A 215 -25.84 -14.47 -26.71
CA THR A 215 -25.85 -15.84 -27.19
C THR A 215 -24.80 -16.66 -26.47
N THR A 216 -25.19 -17.88 -26.12
CA THR A 216 -24.31 -18.77 -25.40
C THR A 216 -24.01 -19.94 -26.34
N PRO A 217 -22.99 -19.78 -27.21
CA PRO A 217 -22.69 -20.72 -28.29
C PRO A 217 -22.57 -22.12 -27.70
N ASP A 218 -22.06 -23.07 -28.46
CA ASP A 218 -21.67 -24.34 -27.86
C ASP A 218 -20.17 -24.56 -28.12
N LYS A 219 -19.41 -23.65 -27.52
CA LYS A 219 -18.27 -23.95 -26.65
C LYS A 219 -18.77 -23.87 -25.18
N LYS A 220 -19.73 -24.73 -24.87
CA LYS A 220 -20.20 -24.92 -23.52
C LYS A 220 -19.63 -26.26 -23.04
N HIS A 221 -18.70 -26.23 -22.08
CA HIS A 221 -18.21 -27.46 -21.47
C HIS A 221 -19.31 -27.98 -20.54
N GLN A 222 -20.07 -28.93 -21.06
CA GLN A 222 -21.19 -29.53 -20.33
C GLN A 222 -20.54 -30.73 -19.69
N LYS A 223 -21.05 -31.20 -18.56
CA LYS A 223 -20.59 -32.47 -17.98
C LYS A 223 -19.23 -32.87 -18.54
N GLU A 224 -18.23 -32.07 -18.24
CA GLU A 224 -16.96 -32.25 -18.91
C GLU A 224 -15.79 -31.87 -18.08
N PRO A 225 -15.67 -32.45 -16.88
CA PRO A 225 -14.29 -32.35 -16.41
C PRO A 225 -13.45 -33.09 -17.44
N PRO A 226 -12.27 -32.57 -17.78
CA PRO A 226 -11.67 -31.30 -17.37
C PRO A 226 -12.38 -30.12 -18.00
N PHE A 227 -12.78 -29.16 -17.18
CA PHE A 227 -13.22 -27.87 -17.70
C PHE A 227 -12.01 -26.96 -17.96
N LEU A 228 -12.02 -26.23 -19.06
CA LEU A 228 -10.92 -25.31 -19.28
C LEU A 228 -11.37 -23.89 -18.96
N TRP A 229 -10.81 -23.31 -17.90
CA TRP A 229 -11.25 -22.03 -17.38
C TRP A 229 -10.06 -21.16 -17.00
N MET A 230 -10.02 -19.94 -17.52
CA MET A 230 -9.06 -18.95 -17.05
C MET A 230 -7.62 -19.43 -17.07
N GLY A 231 -7.37 -20.45 -17.89
CA GLY A 231 -6.03 -20.96 -18.08
C GLY A 231 -5.80 -22.32 -17.45
N TYR A 232 -6.81 -22.87 -16.77
CA TYR A 232 -6.61 -24.08 -15.98
C TYR A 232 -7.50 -25.22 -16.45
N GLU A 233 -7.14 -26.42 -16.05
CA GLU A 233 -8.05 -27.54 -16.19
C GLU A 233 -8.67 -27.73 -14.84
N LEU A 234 -9.99 -27.84 -14.79
CA LEU A 234 -10.67 -28.10 -13.54
C LEU A 234 -11.24 -29.50 -13.56
N HIS A 235 -10.75 -30.34 -12.65
CA HIS A 235 -11.32 -31.67 -12.45
C HIS A 235 -12.17 -31.58 -11.20
N PRO A 236 -13.02 -32.58 -10.95
CA PRO A 236 -14.04 -32.40 -9.90
C PRO A 236 -13.48 -32.21 -8.48
N ASP A 237 -12.30 -32.77 -8.22
CA ASP A 237 -11.68 -32.71 -6.90
C ASP A 237 -10.25 -32.17 -6.92
N LYS A 238 -9.68 -31.99 -8.10
CA LYS A 238 -8.39 -31.32 -8.22
C LYS A 238 -8.39 -30.35 -9.41
N TRP A 239 -7.56 -29.32 -9.33
CA TRP A 239 -7.35 -28.43 -10.47
C TRP A 239 -5.86 -28.37 -10.84
N THR A 240 -5.56 -27.81 -12.01
CA THR A 240 -4.20 -27.82 -12.56
C THR A 240 -4.04 -26.70 -13.60
N VAL A 241 -2.81 -26.43 -14.05
CA VAL A 241 -2.62 -25.54 -15.18
C VAL A 241 -2.53 -26.32 -16.48
N GLN A 242 -3.11 -25.76 -17.53
CA GLN A 242 -2.90 -26.24 -18.89
C GLN A 242 -1.42 -26.07 -19.20
N PRO A 243 -0.85 -27.00 -19.97
CA PRO A 243 0.59 -27.25 -20.09
C PRO A 243 1.43 -26.04 -20.44
N ILE A 244 2.55 -25.91 -19.75
CA ILE A 244 3.46 -24.81 -19.96
C ILE A 244 4.65 -25.33 -20.75
N VAL A 245 5.15 -24.50 -21.65
CA VAL A 245 6.30 -24.89 -22.44
C VAL A 245 7.27 -23.74 -22.53
N LEU A 246 8.39 -23.88 -21.83
CA LEU A 246 9.42 -22.85 -21.81
C LEU A 246 10.15 -22.87 -23.14
N PRO A 247 10.33 -21.70 -23.76
CA PRO A 247 11.10 -21.61 -24.99
C PRO A 247 12.55 -22.06 -24.81
N GLU A 248 12.88 -23.22 -25.40
CA GLU A 248 14.23 -23.75 -25.40
C GLU A 248 14.98 -23.05 -26.52
N LYS A 249 15.75 -22.02 -26.17
CA LYS A 249 16.35 -21.12 -27.17
C LYS A 249 17.88 -21.15 -27.16
N ASP A 250 18.49 -20.84 -28.29
CA ASP A 250 19.95 -20.91 -28.45
C ASP A 250 20.64 -19.64 -27.94
N SER A 251 20.16 -18.49 -28.41
CA SER A 251 20.75 -17.20 -28.10
C SER A 251 19.71 -16.29 -27.49
N TRP A 252 19.72 -16.19 -26.16
CA TRP A 252 18.71 -15.41 -25.49
C TRP A 252 18.93 -13.90 -25.67
N THR A 253 17.95 -13.25 -26.29
CA THR A 253 17.80 -11.80 -26.15
C THR A 253 17.20 -11.53 -24.77
N VAL A 254 17.35 -10.30 -24.29
CA VAL A 254 16.80 -9.92 -22.99
C VAL A 254 15.30 -10.14 -22.93
N ASN A 255 14.58 -9.62 -23.92
CA ASN A 255 13.15 -9.79 -23.99
C ASN A 255 12.74 -11.27 -24.10
N ASP A 256 13.60 -12.11 -24.66
CA ASP A 256 13.37 -13.55 -24.66
C ASP A 256 13.40 -14.01 -23.21
N ILE A 257 14.19 -13.32 -22.39
CA ILE A 257 14.37 -13.65 -21.00
C ILE A 257 13.18 -13.19 -20.17
N CYS A 258 12.59 -12.07 -20.55
CA CYS A 258 11.38 -11.65 -19.89
C CYS A 258 10.23 -12.60 -20.21
N LYS A 259 10.24 -13.17 -21.41
CA LYS A 259 9.28 -14.21 -21.80
C LYS A 259 9.48 -15.50 -21.04
N LEU A 260 10.71 -15.77 -20.61
CA LEU A 260 10.99 -16.98 -19.86
C LEU A 260 10.62 -16.79 -18.39
N VAL A 261 10.98 -15.65 -17.83
CA VAL A 261 10.57 -15.34 -16.48
C VAL A 261 9.06 -15.36 -16.34
N GLY A 262 8.37 -15.01 -17.42
CA GLY A 262 6.93 -14.91 -17.41
C GLY A 262 6.27 -16.25 -17.21
N LYS A 263 6.64 -17.23 -18.03
CA LYS A 263 6.04 -18.56 -17.93
C LYS A 263 6.38 -19.18 -16.59
N LEU A 264 7.60 -18.95 -16.11
CA LEU A 264 8.02 -19.50 -14.82
C LEU A 264 7.17 -18.94 -13.68
N ASN A 265 6.91 -17.64 -13.72
CA ASN A 265 6.08 -16.99 -12.71
C ASN A 265 4.67 -17.59 -12.68
N TRP A 266 4.08 -17.73 -13.86
CA TRP A 266 2.76 -18.34 -14.01
C TRP A 266 2.75 -19.79 -13.54
N ALA A 267 3.86 -20.49 -13.74
CA ALA A 267 4.00 -21.87 -13.33
C ALA A 267 4.12 -21.91 -11.82
N SER A 268 4.60 -20.80 -11.26
CA SER A 268 5.02 -20.76 -9.88
C SER A 268 3.82 -20.80 -8.95
N GLN A 269 2.64 -20.72 -9.53
CA GLN A 269 1.42 -20.71 -8.73
C GLN A 269 0.93 -22.09 -8.33
N ILE A 270 1.47 -23.14 -8.95
CA ILE A 270 1.07 -24.49 -8.54
C ILE A 270 2.24 -25.47 -8.51
N TYR A 271 3.35 -25.09 -9.14
CA TYR A 271 4.56 -25.88 -9.04
C TYR A 271 5.44 -25.32 -7.94
N PRO A 272 5.42 -25.94 -6.75
CA PRO A 272 6.31 -25.52 -5.68
C PRO A 272 7.77 -25.52 -6.11
N GLY A 273 8.48 -24.46 -5.71
CA GLY A 273 9.93 -24.48 -5.81
C GLY A 273 10.50 -23.77 -7.00
N ILE A 274 9.66 -23.07 -7.75
CA ILE A 274 10.10 -22.38 -8.95
C ILE A 274 11.00 -21.22 -8.59
N LYS A 275 12.22 -21.21 -9.13
CA LYS A 275 13.19 -20.16 -8.85
C LYS A 275 13.37 -19.22 -10.05
N VAL A 276 13.38 -17.91 -9.80
CA VAL A 276 13.47 -16.96 -10.91
C VAL A 276 14.43 -15.81 -10.60
N ARG A 277 14.87 -15.72 -9.35
CA ARG A 277 15.77 -14.63 -8.93
C ARG A 277 17.06 -14.55 -9.76
N GLN A 278 17.63 -15.70 -10.11
CA GLN A 278 18.87 -15.72 -10.88
C GLN A 278 18.68 -15.22 -12.30
N LEU A 279 17.48 -15.45 -12.84
CA LEU A 279 17.17 -15.04 -14.21
C LEU A 279 16.66 -13.61 -14.31
N SER A 280 15.92 -13.17 -13.29
CA SER A 280 15.59 -11.75 -13.11
C SER A 280 16.75 -11.01 -12.44
N LYS A 281 17.96 -11.34 -12.86
CA LYS A 281 19.15 -10.56 -12.52
C LYS A 281 19.89 -10.30 -13.82
N LEU A 282 19.89 -11.29 -14.70
CA LEU A 282 20.44 -11.10 -16.03
C LEU A 282 19.79 -9.87 -16.65
N LEU A 283 18.68 -9.45 -16.08
CA LEU A 283 17.90 -8.34 -16.62
C LEU A 283 18.45 -7.00 -16.20
N ARG A 284 19.23 -6.97 -15.13
CA ARG A 284 19.69 -5.70 -14.56
C ARG A 284 20.61 -4.93 -15.53
N GLY A 285 20.09 -4.56 -16.69
CA GLY A 285 20.93 -3.89 -17.65
C GLY A 285 20.16 -2.94 -18.55
N THR A 286 20.17 -1.64 -18.19
CA THR A 286 19.62 -0.62 -19.06
C THR A 286 20.03 -0.98 -20.47
N LYS A 287 19.03 -0.97 -21.35
CA LYS A 287 18.82 -2.11 -22.22
C LYS A 287 18.42 -1.65 -23.61
N ALA A 288 18.75 -2.47 -24.61
CA ALA A 288 17.88 -2.67 -25.75
C ALA A 288 17.30 -4.05 -25.53
N LEU A 289 15.98 -4.18 -25.68
CA LEU A 289 15.31 -5.45 -25.54
C LEU A 289 15.83 -6.38 -26.62
N THR A 290 16.35 -5.78 -27.68
CA THR A 290 16.90 -6.54 -28.81
C THR A 290 18.21 -7.18 -28.35
N GLU A 291 19.02 -6.38 -27.66
CA GLU A 291 20.28 -6.82 -27.07
C GLU A 291 20.27 -8.30 -26.70
N VAL A 292 21.40 -8.96 -26.85
CA VAL A 292 21.51 -10.38 -26.55
C VAL A 292 22.35 -10.64 -25.30
N ILE A 293 21.70 -10.97 -24.20
CA ILE A 293 22.43 -11.24 -22.96
C ILE A 293 22.86 -12.69 -22.92
N PRO A 294 24.14 -12.94 -22.64
CA PRO A 294 24.69 -14.29 -22.50
C PRO A 294 24.18 -14.98 -21.24
N LEU A 295 23.84 -16.26 -21.36
CA LEU A 295 23.29 -16.98 -20.23
C LEU A 295 24.35 -17.11 -19.13
N THR A 296 24.09 -16.48 -17.99
CA THR A 296 24.87 -16.73 -16.78
C THR A 296 24.72 -18.19 -16.38
N GLU A 297 25.83 -18.83 -16.05
CA GLU A 297 25.80 -20.24 -15.73
C GLU A 297 25.11 -20.46 -14.39
N GLU A 298 24.92 -19.38 -13.63
CA GLU A 298 24.18 -19.45 -12.36
C GLU A 298 22.68 -19.52 -12.64
N ALA A 299 22.22 -18.61 -13.49
CA ALA A 299 20.90 -18.72 -14.08
C ALA A 299 20.76 -20.11 -14.70
N GLU A 300 21.77 -20.50 -15.49
CA GLU A 300 21.80 -21.82 -16.10
C GLU A 300 21.45 -22.91 -15.11
N LEU A 301 22.00 -22.79 -13.90
CA LEU A 301 21.69 -23.74 -12.85
C LEU A 301 20.19 -23.65 -12.63
N GLU A 302 19.71 -22.45 -12.39
CA GLU A 302 18.29 -22.22 -12.06
C GLU A 302 17.33 -22.80 -13.09
N LEU A 303 17.42 -22.30 -14.31
CA LEU A 303 16.56 -22.77 -15.37
C LEU A 303 16.53 -24.30 -15.41
N ALA A 304 17.70 -24.91 -15.36
CA ALA A 304 17.79 -26.36 -15.30
C ALA A 304 16.95 -26.91 -14.13
N GLU A 305 17.16 -26.36 -12.93
CA GLU A 305 16.34 -26.69 -11.76
C GLU A 305 14.85 -26.62 -12.09
N ASN A 306 14.43 -25.56 -12.77
CA ASN A 306 13.02 -25.37 -13.07
C ASN A 306 12.57 -26.37 -14.11
N ARG A 307 13.26 -26.40 -15.24
CA ARG A 307 12.83 -27.22 -16.36
C ARG A 307 12.59 -28.62 -15.83
N GLU A 308 13.36 -29.01 -14.83
CA GLU A 308 13.20 -30.29 -14.18
C GLU A 308 11.94 -30.38 -13.33
N ILE A 309 11.66 -29.34 -12.56
CA ILE A 309 10.46 -29.33 -11.73
C ILE A 309 9.22 -29.46 -12.61
N LEU A 310 9.31 -28.89 -13.81
CA LEU A 310 8.14 -28.78 -14.70
C LEU A 310 7.67 -30.14 -15.22
N LYS A 311 8.53 -31.14 -15.14
CA LYS A 311 8.20 -32.47 -15.62
C LYS A 311 7.35 -33.18 -14.58
N GLU A 312 7.20 -32.57 -13.42
CA GLU A 312 6.39 -33.15 -12.37
C GLU A 312 4.91 -32.91 -12.58
N PRO A 313 4.09 -33.91 -12.26
CA PRO A 313 2.64 -33.75 -12.20
C PRO A 313 2.29 -33.02 -10.91
N VAL A 314 1.64 -31.87 -11.04
CA VAL A 314 1.13 -31.17 -9.87
C VAL A 314 -0.35 -30.80 -10.04
N HIS A 315 -0.97 -30.46 -8.92
CA HIS A 315 -2.33 -30.05 -8.94
C HIS A 315 -2.61 -29.27 -7.67
N GLY A 316 -3.73 -28.55 -7.67
CA GLY A 316 -4.19 -27.90 -6.46
C GLY A 316 -5.54 -28.48 -6.13
N VAL A 317 -6.07 -28.09 -4.97
CA VAL A 317 -7.44 -28.42 -4.60
C VAL A 317 -8.23 -27.14 -4.35
N TYR A 318 -9.47 -27.28 -3.89
CA TYR A 318 -10.38 -26.16 -3.80
C TYR A 318 -10.63 -25.71 -2.37
N TYR A 319 -11.16 -24.51 -2.20
CA TYR A 319 -11.26 -23.91 -0.87
C TYR A 319 -12.42 -24.41 -0.02
N ASP A 320 -12.11 -24.90 1.18
CA ASP A 320 -13.14 -25.19 2.18
C ASP A 320 -13.16 -24.09 3.24
N PRO A 321 -14.23 -23.28 3.27
CA PRO A 321 -14.33 -22.24 4.29
C PRO A 321 -14.69 -22.78 5.67
N SER A 322 -15.04 -24.07 5.72
CA SER A 322 -15.18 -24.76 7.00
C SER A 322 -13.85 -24.73 7.71
N LYS A 323 -12.78 -25.09 7.01
CA LYS A 323 -11.47 -25.20 7.62
C LYS A 323 -10.68 -23.88 7.58
N ASP A 324 -9.47 -23.91 8.14
CA ASP A 324 -8.57 -22.75 8.18
C ASP A 324 -7.67 -22.67 6.93
N LEU A 325 -6.93 -21.56 6.79
CA LEU A 325 -5.87 -21.44 5.78
C LEU A 325 -4.52 -21.59 6.42
N ILE A 326 -3.59 -22.28 5.78
CA ILE A 326 -2.27 -22.44 6.37
C ILE A 326 -1.18 -22.32 5.34
N ALA A 327 -0.25 -21.39 5.58
CA ALA A 327 0.82 -21.12 4.63
C ALA A 327 2.14 -21.59 5.21
N GLU A 328 2.93 -22.26 4.38
CA GLU A 328 4.28 -22.63 4.75
C GLU A 328 5.28 -21.92 3.84
N ILE A 329 6.20 -21.16 4.42
CA ILE A 329 7.23 -20.45 3.66
C ILE A 329 8.53 -21.26 3.67
N GLN A 330 9.39 -21.03 2.67
CA GLN A 330 10.67 -21.72 2.61
C GLN A 330 11.79 -20.85 2.05
N LYS A 331 12.80 -20.59 2.89
CA LYS A 331 14.04 -19.93 2.45
C LYS A 331 14.78 -20.90 1.53
N GLN A 332 14.84 -20.59 0.25
CA GLN A 332 15.30 -21.59 -0.72
C GLN A 332 16.40 -21.09 -1.62
N GLY A 333 17.27 -20.24 -1.06
CA GLY A 333 18.29 -19.62 -1.88
C GLY A 333 18.42 -18.16 -1.61
N GLN A 334 19.35 -17.51 -2.29
CA GLN A 334 19.67 -16.13 -1.94
C GLN A 334 18.52 -15.22 -2.28
N GLY A 335 17.72 -14.93 -1.27
CA GLY A 335 16.54 -14.09 -1.49
C GLY A 335 15.53 -14.64 -2.47
N GLN A 336 15.47 -15.97 -2.53
CA GLN A 336 14.40 -16.67 -3.22
C GLN A 336 13.62 -17.47 -2.22
N TRP A 337 12.31 -17.28 -2.20
CA TRP A 337 11.50 -17.92 -1.19
C TRP A 337 10.38 -18.65 -1.92
N THR A 338 9.73 -19.56 -1.23
CA THR A 338 8.68 -20.37 -1.81
C THR A 338 7.65 -20.56 -0.73
N TYR A 339 6.41 -20.76 -1.10
CA TYR A 339 5.43 -21.07 -0.07
C TYR A 339 4.36 -21.98 -0.64
N GLN A 340 3.60 -22.62 0.22
CA GLN A 340 2.41 -23.31 -0.22
C GLN A 340 1.27 -22.98 0.74
N ILE A 341 0.07 -22.86 0.21
CA ILE A 341 -1.06 -22.60 1.06
C ILE A 341 -1.94 -23.84 1.05
N TYR A 342 -2.25 -24.36 2.22
CA TYR A 342 -3.05 -25.57 2.29
C TYR A 342 -4.08 -25.51 3.39
N GLN A 343 -4.97 -26.48 3.38
CA GLN A 343 -5.90 -26.66 4.46
C GLN A 343 -5.77 -28.06 5.05
N GLU A 344 -5.00 -28.89 4.36
CA GLU A 344 -4.67 -30.21 4.86
C GLU A 344 -3.37 -30.67 4.24
N PRO A 345 -2.52 -31.32 5.04
CA PRO A 345 -1.14 -31.56 4.59
C PRO A 345 -1.04 -32.24 3.23
N PHE A 346 -0.18 -31.69 2.39
CA PHE A 346 0.09 -32.21 1.06
C PHE A 346 -1.07 -32.01 0.09
N LYS A 347 -2.08 -31.27 0.54
CA LYS A 347 -3.13 -30.80 -0.37
C LYS A 347 -3.09 -29.27 -0.58
N ASN A 348 -2.48 -28.86 -1.68
CA ASN A 348 -2.11 -27.46 -1.93
C ASN A 348 -3.16 -26.60 -2.62
N LEU A 349 -3.95 -25.83 -1.87
CA LEU A 349 -4.78 -24.82 -2.53
C LEU A 349 -4.00 -24.15 -3.68
N LYS A 350 -2.81 -23.61 -3.37
CA LYS A 350 -1.85 -23.18 -4.39
C LYS A 350 -0.41 -23.08 -3.82
N THR A 351 0.49 -22.46 -4.57
CA THR A 351 1.81 -22.17 -4.02
C THR A 351 2.25 -20.79 -4.46
N GLY A 352 3.56 -20.54 -4.40
CA GLY A 352 4.11 -19.29 -4.91
C GLY A 352 5.52 -18.96 -4.45
N LYS A 353 6.18 -18.07 -5.18
CA LYS A 353 7.45 -17.53 -4.73
C LYS A 353 7.37 -16.08 -4.25
N TYR A 354 8.31 -15.72 -3.39
CA TYR A 354 8.71 -14.33 -3.23
C TYR A 354 10.19 -14.23 -3.62
N ALA A 355 10.58 -13.16 -4.29
CA ALA A 355 12.00 -12.98 -4.56
C ALA A 355 12.29 -11.55 -4.95
N ARG A 356 11.71 -10.62 -4.21
CA ARG A 356 11.86 -9.23 -4.55
C ARG A 356 12.97 -8.63 -3.71
N MET A 357 13.79 -7.77 -4.31
CA MET A 357 14.78 -7.02 -3.54
C MET A 357 14.25 -5.64 -3.14
N ARG A 358 13.67 -5.55 -1.95
CA ARG A 358 13.18 -4.27 -1.46
C ARG A 358 14.23 -3.57 -0.60
N GLY A 359 14.91 -2.61 -1.20
CA GLY A 359 16.02 -1.99 -0.52
C GLY A 359 17.31 -2.21 -1.31
N ALA A 360 18.31 -1.39 -1.03
CA ALA A 360 19.63 -1.62 -1.61
C ALA A 360 20.33 -2.59 -0.68
N HIS A 361 19.82 -2.66 0.54
CA HIS A 361 20.37 -3.52 1.55
C HIS A 361 19.23 -4.21 2.28
N THR A 362 19.37 -5.51 2.52
CA THR A 362 18.34 -6.27 3.18
C THR A 362 18.95 -7.49 3.87
N ASN A 363 18.13 -8.22 4.62
CA ASN A 363 18.57 -9.48 5.20
C ASN A 363 17.44 -10.49 5.16
N ASP A 364 17.68 -11.70 5.65
CA ASP A 364 16.65 -12.72 5.64
C ASP A 364 15.40 -12.40 6.44
N VAL A 365 15.54 -11.79 7.61
CA VAL A 365 14.36 -11.62 8.44
C VAL A 365 13.49 -10.50 7.90
N LYS A 366 14.09 -9.57 7.16
CA LYS A 366 13.29 -8.61 6.42
C LYS A 366 12.49 -9.30 5.34
N GLN A 367 13.18 -9.95 4.40
CA GLN A 367 12.52 -10.63 3.31
C GLN A 367 11.41 -11.61 3.76
N LEU A 368 11.72 -12.50 4.69
CA LEU A 368 10.71 -13.42 5.22
C LEU A 368 9.57 -12.61 5.87
N THR A 369 9.83 -11.34 6.15
CA THR A 369 8.78 -10.45 6.60
C THR A 369 8.00 -9.95 5.41
N GLU A 370 8.73 -9.64 4.35
CA GLU A 370 8.13 -9.13 3.12
C GLU A 370 7.25 -10.20 2.49
N ALA A 371 7.79 -11.42 2.36
CA ALA A 371 7.07 -12.54 1.74
C ALA A 371 5.79 -12.92 2.49
N VAL A 372 5.78 -12.73 3.80
CA VAL A 372 4.58 -12.95 4.59
C VAL A 372 3.57 -11.83 4.34
N GLN A 373 4.05 -10.62 4.08
CA GLN A 373 3.14 -9.54 3.75
C GLN A 373 2.44 -9.84 2.44
N LYS A 374 3.22 -10.24 1.44
CA LYS A 374 2.69 -10.61 0.14
C LYS A 374 1.62 -11.69 0.22
N ILE A 375 1.89 -12.72 1.00
CA ILE A 375 0.98 -13.87 1.09
C ILE A 375 -0.29 -13.53 1.85
N THR A 376 -0.17 -12.59 2.77
CA THR A 376 -1.34 -12.03 3.43
C THR A 376 -2.30 -11.36 2.43
N THR A 377 -1.80 -10.37 1.69
CA THR A 377 -2.64 -9.61 0.77
C THR A 377 -3.19 -10.49 -0.33
N GLU A 378 -2.37 -11.42 -0.82
CA GLU A 378 -2.86 -12.40 -1.77
C GLU A 378 -3.99 -13.26 -1.20
N SER A 379 -3.85 -13.72 0.03
CA SER A 379 -4.88 -14.57 0.61
C SER A 379 -6.19 -13.84 0.80
N ILE A 380 -6.12 -12.54 1.08
CA ILE A 380 -7.32 -11.76 1.28
C ILE A 380 -8.09 -11.71 -0.03
N VAL A 381 -7.36 -11.63 -1.13
CA VAL A 381 -7.99 -11.50 -2.44
C VAL A 381 -8.68 -12.79 -2.88
N ILE A 382 -7.97 -13.91 -2.77
CA ILE A 382 -8.54 -15.20 -3.14
C ILE A 382 -9.54 -15.77 -2.13
N TRP A 383 -9.26 -15.65 -0.82
CA TRP A 383 -10.19 -16.19 0.20
C TRP A 383 -10.83 -15.19 1.15
N GLY A 384 -10.29 -13.99 1.22
CA GLY A 384 -10.92 -12.95 2.03
C GLY A 384 -10.66 -13.12 3.52
N LYS A 385 -9.53 -13.74 3.85
CA LYS A 385 -9.07 -13.87 5.23
C LYS A 385 -7.58 -14.16 5.15
N THR A 386 -6.90 -14.14 6.29
CA THR A 386 -5.45 -14.37 6.32
C THR A 386 -5.12 -15.74 6.89
N PRO A 387 -4.13 -16.42 6.30
CA PRO A 387 -3.79 -17.79 6.70
C PRO A 387 -3.06 -17.82 8.04
N LYS A 388 -3.03 -18.98 8.68
CA LYS A 388 -2.06 -19.22 9.75
C LYS A 388 -0.74 -19.50 9.05
N PHE A 389 0.35 -19.04 9.64
CA PHE A 389 1.66 -19.25 9.04
C PHE A 389 2.44 -20.33 9.80
N LYS A 390 3.29 -21.02 9.06
CA LYS A 390 4.28 -21.90 9.64
C LYS A 390 5.62 -21.45 9.04
N LEU A 391 6.47 -20.83 9.85
CA LEU A 391 7.73 -20.26 9.34
C LEU A 391 8.98 -20.96 9.88
N PRO A 392 10.02 -21.09 9.04
CA PRO A 392 11.35 -21.66 9.35
C PRO A 392 12.21 -20.68 10.11
N ILE A 393 11.64 -20.06 11.13
CA ILE A 393 12.41 -19.12 11.92
C ILE A 393 11.98 -19.38 13.36
N GLN A 394 12.93 -19.34 14.30
CA GLN A 394 12.61 -19.60 15.70
C GLN A 394 12.33 -18.32 16.46
N LYS A 395 11.28 -18.37 17.29
CA LYS A 395 10.81 -17.20 18.01
C LYS A 395 12.00 -16.38 18.49
N GLU A 396 13.03 -17.07 18.97
CA GLU A 396 14.29 -16.43 19.37
C GLU A 396 14.68 -15.38 18.35
N THR A 397 14.97 -15.82 17.14
CA THR A 397 15.58 -14.93 16.17
C THR A 397 14.67 -13.74 15.94
N TRP A 398 13.38 -13.99 15.79
CA TRP A 398 12.45 -12.91 15.54
C TRP A 398 12.64 -11.83 16.59
N GLU A 399 12.58 -12.22 17.87
CA GLU A 399 12.61 -11.22 18.93
C GLU A 399 13.96 -10.50 19.04
N THR A 400 15.04 -11.21 18.75
CA THR A 400 16.35 -10.58 18.73
C THR A 400 16.25 -9.37 17.79
N TRP A 401 15.51 -9.56 16.70
CA TRP A 401 15.48 -8.60 15.61
C TRP A 401 14.38 -7.55 15.75
N TRP A 402 13.20 -7.97 16.22
CA TRP A 402 12.13 -7.01 16.44
C TRP A 402 12.65 -6.02 17.49
N THR A 403 13.77 -6.40 18.12
CA THR A 403 14.38 -5.65 19.21
C THR A 403 15.38 -4.61 18.72
N GLU A 404 16.32 -5.05 17.88
CA GLU A 404 17.38 -4.18 17.39
C GLU A 404 16.86 -3.29 16.29
N TYR A 405 15.77 -3.71 15.64
CA TYR A 405 15.20 -2.93 14.57
C TYR A 405 14.28 -1.85 15.14
N TRP A 406 14.40 -0.65 14.55
CA TRP A 406 13.87 0.59 15.12
C TRP A 406 12.66 1.12 14.34
N GLN A 407 12.27 0.42 13.29
CA GLN A 407 11.03 0.68 12.58
C GLN A 407 10.11 -0.47 12.96
N ALA A 408 8.89 -0.16 13.38
CA ALA A 408 7.96 -1.21 13.75
C ALA A 408 7.96 -2.32 12.71
N THR A 409 7.96 -3.57 13.15
CA THR A 409 7.91 -4.72 12.23
C THR A 409 7.08 -5.83 12.86
N TRP A 410 6.34 -6.58 12.06
CA TRP A 410 5.43 -7.58 12.63
C TRP A 410 5.10 -8.81 11.78
N ILE A 411 4.71 -9.88 12.46
CA ILE A 411 4.24 -11.12 11.83
C ILE A 411 3.17 -11.74 12.72
N PRO A 412 2.09 -12.29 12.13
CA PRO A 412 1.02 -12.81 12.99
C PRO A 412 1.31 -14.16 13.68
N GLU A 413 0.24 -14.77 14.19
CA GLU A 413 0.21 -16.19 14.54
C GLU A 413 1.16 -16.96 13.64
N TRP A 414 2.22 -17.51 14.21
CA TRP A 414 3.03 -18.41 13.41
C TRP A 414 3.79 -19.45 14.21
N GLU A 415 3.61 -20.70 13.81
CA GLU A 415 4.29 -21.81 14.44
C GLU A 415 5.67 -22.02 13.84
N PHE A 416 6.63 -22.31 14.68
CA PHE A 416 7.97 -22.61 14.18
C PHE A 416 7.87 -23.84 13.32
N VAL A 417 8.66 -23.87 12.26
CA VAL A 417 8.76 -25.07 11.46
C VAL A 417 10.22 -25.36 11.20
N ASN A 418 10.66 -26.57 11.56
CA ASN A 418 12.05 -26.93 11.38
C ASN A 418 12.27 -27.49 9.98
N THR A 419 11.88 -26.71 8.99
CA THR A 419 12.12 -27.06 7.61
C THR A 419 13.39 -26.36 7.11
N PRO A 420 14.56 -26.83 7.55
CA PRO A 420 15.81 -26.12 7.27
C PRO A 420 16.08 -26.00 5.77
N PRO A 421 16.79 -24.95 5.35
CA PRO A 421 17.47 -23.96 6.20
C PRO A 421 16.54 -23.10 7.04
N LEU A 422 16.97 -22.75 8.25
CA LEU A 422 16.24 -21.80 9.07
C LEU A 422 16.77 -20.39 8.83
N VAL A 423 15.90 -19.40 9.03
CA VAL A 423 16.29 -18.01 8.85
C VAL A 423 17.07 -17.55 10.07
N LYS A 424 18.31 -17.15 9.85
CA LYS A 424 19.18 -16.72 10.94
C LYS A 424 19.74 -15.33 10.66
N LEU A 425 20.05 -14.61 11.73
CA LEU A 425 20.81 -13.37 11.61
C LEU A 425 22.30 -13.71 11.56
N TRP A 426 22.96 -13.32 10.49
CA TRP A 426 24.31 -13.80 10.22
C TRP A 426 25.35 -13.26 11.19
N TYR A 427 25.13 -12.07 11.71
CA TYR A 427 25.98 -11.52 12.75
C TYR A 427 25.15 -10.64 13.64
N GLN A 428 25.70 -10.27 14.79
CA GLN A 428 24.99 -9.36 15.66
C GLN A 428 25.94 -8.30 16.18
N LEU A 429 25.45 -7.08 16.22
CA LEU A 429 26.19 -5.98 16.81
C LEU A 429 26.03 -6.00 18.31
N GLU A 430 27.08 -5.64 19.02
CA GLU A 430 26.99 -5.53 20.47
C GLU A 430 26.09 -4.35 20.78
N LYS A 431 25.54 -4.33 21.98
CA LYS A 431 24.68 -3.25 22.39
C LYS A 431 25.47 -2.29 23.28
N GLU A 432 26.50 -2.82 23.92
CA GLU A 432 27.46 -2.02 24.68
C GLU A 432 28.91 -2.31 24.25
N PRO A 433 29.81 -1.31 24.39
CA PRO A 433 31.18 -1.41 23.87
C PRO A 433 31.96 -2.60 24.42
N ILE A 434 32.93 -3.07 23.64
CA ILE A 434 33.62 -4.31 23.97
C ILE A 434 34.82 -4.07 24.87
N VAL A 435 34.73 -4.42 26.15
CA VAL A 435 35.84 -4.15 27.06
C VAL A 435 37.22 -4.54 26.51
N GLY A 436 38.17 -3.61 26.52
CA GLY A 436 39.56 -3.96 26.24
C GLY A 436 39.93 -4.30 24.79
N ALA A 437 38.96 -4.25 23.89
CA ALA A 437 39.23 -4.49 22.48
C ALA A 437 39.69 -3.22 21.82
N GLU A 438 40.36 -3.36 20.69
CA GLU A 438 40.89 -2.20 20.02
C GLU A 438 39.76 -1.31 19.51
N THR A 439 39.92 0.00 19.67
CA THR A 439 38.90 1.00 19.30
C THR A 439 39.37 1.83 18.10
N PHE A 440 38.70 1.65 16.96
CA PHE A 440 39.02 2.41 15.75
C PHE A 440 38.13 3.61 15.63
N TYR A 441 38.73 4.79 15.70
CA TYR A 441 38.06 6.02 15.27
C TYR A 441 38.29 6.14 13.77
N VAL A 442 37.24 5.92 13.00
CA VAL A 442 37.34 5.98 11.55
C VAL A 442 36.69 7.26 11.03
N ASP A 443 37.18 7.75 9.92
CA ASP A 443 36.39 8.68 9.13
C ASP A 443 36.88 8.68 7.70
N GLY A 444 36.07 9.27 6.83
CA GLY A 444 36.47 9.47 5.46
C GLY A 444 36.06 10.84 4.99
N ALA A 445 36.52 11.23 3.81
CA ALA A 445 36.28 12.58 3.34
C ALA A 445 36.51 12.72 1.83
N ALA A 446 35.47 13.21 1.15
CA ALA A 446 35.52 13.38 -0.31
C ALA A 446 35.62 14.86 -0.71
N ASN A 447 35.72 15.09 -2.02
CA ASN A 447 35.97 16.42 -2.58
C ASN A 447 35.03 16.62 -3.77
N ARG A 448 33.85 17.18 -3.51
CA ARG A 448 32.76 17.21 -4.50
C ARG A 448 33.26 17.57 -5.90
N GLU A 449 34.38 18.28 -5.95
CA GLU A 449 34.96 18.73 -7.21
C GLU A 449 35.65 17.59 -7.94
N THR A 450 36.77 17.14 -7.37
CA THR A 450 37.63 16.16 -8.02
C THR A 450 37.17 14.72 -7.80
N LYS A 451 36.17 14.56 -6.94
CA LYS A 451 35.61 13.24 -6.67
C LYS A 451 36.64 12.39 -5.94
N LEU A 452 37.75 13.01 -5.58
CA LEU A 452 38.81 12.37 -4.80
C LEU A 452 38.49 12.43 -3.30
N GLY A 453 38.71 11.32 -2.61
CA GLY A 453 38.42 11.28 -1.19
C GLY A 453 39.51 10.60 -0.40
N LYS A 454 39.42 10.65 0.93
CA LYS A 454 40.27 9.83 1.80
C LYS A 454 39.46 9.09 2.86
N ALA A 455 39.86 7.87 3.18
CA ALA A 455 39.25 7.12 4.26
C ALA A 455 40.38 6.51 5.05
N GLY A 456 40.19 6.37 6.36
CA GLY A 456 41.27 5.91 7.20
C GLY A 456 40.82 5.88 8.64
N TYR A 457 41.73 5.55 9.57
CA TYR A 457 41.39 5.47 10.99
C TYR A 457 42.54 5.88 11.90
N VAL A 458 42.23 6.00 13.19
CA VAL A 458 43.20 6.29 14.22
C VAL A 458 42.72 5.50 15.45
N THR A 459 43.61 4.83 16.19
CA THR A 459 43.14 3.91 17.24
C THR A 459 43.81 4.12 18.59
N ASN A 460 43.16 3.61 19.64
CA ASN A 460 43.65 3.77 21.00
C ASN A 460 44.96 3.04 21.19
N ARG A 461 45.17 1.93 20.50
CA ARG A 461 46.42 1.19 20.68
C ARG A 461 47.57 1.84 19.94
N GLY A 462 47.26 2.84 19.11
CA GLY A 462 48.30 3.68 18.57
C GLY A 462 48.49 3.69 17.06
N ARG A 463 47.75 2.85 16.34
CA ARG A 463 48.02 2.72 14.92
C ARG A 463 47.06 3.55 14.10
N GLN A 464 47.47 3.93 12.89
CA GLN A 464 46.58 4.62 11.98
C GLN A 464 46.86 4.38 10.52
N LYS A 465 45.79 4.33 9.72
CA LYS A 465 45.92 4.24 8.28
C LYS A 465 45.19 5.43 7.64
N VAL A 466 45.72 5.91 6.51
CA VAL A 466 44.96 6.76 5.60
C VAL A 466 45.11 6.26 4.16
N VAL A 467 43.98 6.16 3.46
CA VAL A 467 43.97 5.61 2.12
C VAL A 467 43.20 6.53 1.22
N THR A 468 43.66 6.67 -0.02
CA THR A 468 43.07 7.64 -0.92
C THR A 468 42.24 6.95 -1.97
N LEU A 469 41.03 7.44 -2.20
CA LEU A 469 40.13 6.80 -3.17
C LEU A 469 39.87 7.72 -4.36
N THR A 470 40.15 7.22 -5.56
CA THR A 470 39.74 7.91 -6.77
C THR A 470 38.22 7.79 -7.01
N ASP A 471 37.63 8.77 -7.70
CA ASP A 471 36.24 8.72 -8.14
C ASP A 471 35.26 8.16 -7.13
N THR A 472 35.30 8.70 -5.92
CA THR A 472 34.44 8.24 -4.83
C THR A 472 33.55 9.37 -4.33
N THR A 473 32.96 9.20 -3.16
CA THR A 473 32.08 10.21 -2.56
C THR A 473 32.18 10.14 -1.04
N ASN A 474 31.53 11.05 -0.33
CA ASN A 474 31.58 11.08 1.13
C ASN A 474 31.02 9.82 1.76
N GLN A 475 29.88 9.35 1.24
CA GLN A 475 29.22 8.19 1.82
C GLN A 475 29.96 6.90 1.49
N LYS A 476 30.77 6.93 0.44
CA LYS A 476 31.58 5.78 0.14
C LYS A 476 32.88 5.80 0.92
N THR A 477 33.37 7.00 1.24
CA THR A 477 34.59 7.12 2.03
C THR A 477 34.29 6.81 3.50
N GLU A 478 33.15 7.30 3.97
CA GLU A 478 32.61 6.84 5.24
C GLU A 478 32.57 5.32 5.29
N LEU A 479 32.00 4.69 4.27
CA LEU A 479 31.89 3.24 4.23
C LEU A 479 33.24 2.53 4.02
N GLN A 480 34.19 3.24 3.44
CA GLN A 480 35.53 2.70 3.27
C GLN A 480 36.21 2.64 4.61
N ALA A 481 36.10 3.71 5.39
CA ALA A 481 36.81 3.77 6.65
C ALA A 481 36.30 2.64 7.54
N ILE A 482 35.02 2.32 7.45
CA ILE A 482 34.49 1.30 8.33
C ILE A 482 34.91 -0.11 7.89
N TYR A 483 35.27 -0.26 6.63
CA TYR A 483 35.73 -1.54 6.12
C TYR A 483 37.23 -1.71 6.34
N LEU A 484 37.99 -0.65 6.04
CA LEU A 484 39.37 -0.53 6.49
C LEU A 484 39.54 -0.93 7.96
N ALA A 485 38.86 -0.25 8.87
CA ALA A 485 38.93 -0.61 10.29
C ALA A 485 38.58 -2.08 10.52
N LEU A 486 37.58 -2.59 9.80
CA LEU A 486 37.20 -3.99 9.95
C LEU A 486 38.32 -4.92 9.50
N GLN A 487 38.88 -4.65 8.33
CA GLN A 487 40.01 -5.42 7.82
C GLN A 487 41.17 -5.54 8.80
N ASP A 488 41.44 -4.47 9.53
CA ASP A 488 42.66 -4.36 10.34
C ASP A 488 42.47 -4.65 11.81
N SER A 489 41.25 -4.91 12.23
CA SER A 489 41.01 -5.20 13.62
C SER A 489 41.03 -6.72 13.87
N GLY A 490 41.42 -7.11 15.07
CA GLY A 490 41.32 -8.51 15.46
C GLY A 490 39.89 -8.99 15.44
N LEU A 491 39.60 -10.04 16.20
CA LEU A 491 38.30 -10.68 16.19
C LEU A 491 37.26 -9.94 17.03
N GLU A 492 37.70 -8.87 17.67
CA GLU A 492 36.80 -8.02 18.45
C GLU A 492 37.23 -6.60 18.26
N VAL A 493 36.29 -5.76 17.87
CA VAL A 493 36.63 -4.37 17.59
C VAL A 493 35.56 -3.41 18.04
N ASN A 494 35.96 -2.18 18.30
CA ASN A 494 35.02 -1.11 18.49
C ASN A 494 35.27 -0.06 17.40
N ILE A 495 34.20 0.41 16.77
CA ILE A 495 34.36 1.40 15.71
C ILE A 495 33.54 2.65 16.01
N VAL A 496 34.19 3.80 16.03
CA VAL A 496 33.50 5.08 16.21
C VAL A 496 33.48 5.89 14.91
N THR A 497 32.28 6.15 14.41
CA THR A 497 32.12 6.90 13.16
C THR A 497 31.21 8.10 13.32
N ASP A 498 31.40 9.09 12.45
CA ASP A 498 30.60 10.30 12.54
C ASP A 498 29.50 10.29 11.48
N SER A 499 29.37 9.15 10.79
CA SER A 499 28.48 9.05 9.63
C SER A 499 27.09 8.50 9.98
N GLN A 500 26.07 9.35 9.88
CA GLN A 500 24.75 8.92 10.27
C GLN A 500 24.28 7.90 9.24
N TYR A 501 24.84 7.99 8.03
CA TYR A 501 24.47 7.13 6.93
C TYR A 501 25.04 5.73 7.09
N ALA A 502 26.35 5.66 7.30
CA ALA A 502 27.02 4.40 7.59
C ALA A 502 26.40 3.73 8.82
N LEU A 503 26.20 4.51 9.87
CA LEU A 503 25.55 3.97 11.07
C LEU A 503 24.21 3.37 10.71
N GLY A 504 23.51 3.99 9.78
CA GLY A 504 22.14 3.60 9.52
C GLY A 504 22.05 2.26 8.87
N ILE A 505 22.83 2.08 7.81
CA ILE A 505 22.90 0.86 7.04
C ILE A 505 23.28 -0.34 7.91
N ILE A 506 24.38 -0.22 8.65
CA ILE A 506 24.97 -1.35 9.35
C ILE A 506 24.18 -1.71 10.62
N GLN A 507 23.58 -0.72 11.26
CA GLN A 507 22.78 -0.97 12.45
C GLN A 507 21.55 -1.80 12.10
N ALA A 508 21.19 -1.80 10.81
CA ALA A 508 20.03 -2.54 10.31
C ALA A 508 20.42 -3.98 9.97
N GLN A 509 21.70 -4.28 10.16
CA GLN A 509 22.19 -5.64 10.04
C GLN A 509 21.91 -6.26 8.68
N PRO A 510 22.44 -5.67 7.63
CA PRO A 510 22.32 -6.22 6.28
C PRO A 510 22.98 -7.59 6.23
N ASP A 511 22.47 -8.53 5.41
CA ASP A 511 23.35 -9.60 4.97
C ASP A 511 23.39 -9.64 3.46
N GLN A 512 22.90 -8.58 2.82
CA GLN A 512 22.90 -8.59 1.38
C GLN A 512 22.63 -7.20 0.80
N SER A 513 23.55 -6.71 -0.02
CA SER A 513 23.41 -5.37 -0.56
C SER A 513 23.83 -5.37 -2.03
N GLU A 514 23.15 -4.57 -2.84
CA GLU A 514 23.61 -4.34 -4.21
C GLU A 514 24.97 -3.65 -4.30
N SER A 515 25.49 -3.25 -3.15
CA SER A 515 26.77 -2.57 -3.06
C SER A 515 27.89 -3.55 -2.67
N GLU A 516 28.89 -3.65 -3.54
CA GLU A 516 30.02 -4.54 -3.33
C GLU A 516 30.77 -4.20 -2.04
N LEU A 517 30.88 -2.89 -1.78
CA LEU A 517 31.50 -2.38 -0.55
C LEU A 517 30.77 -2.84 0.69
N VAL A 518 29.44 -2.71 0.70
CA VAL A 518 28.66 -3.11 1.87
C VAL A 518 28.69 -4.62 1.99
N ASN A 519 28.98 -5.28 0.88
CA ASN A 519 29.16 -6.71 0.87
C ASN A 519 30.54 -7.08 1.39
N GLN A 520 31.54 -6.28 1.04
CA GLN A 520 32.89 -6.44 1.61
C GLN A 520 32.84 -6.19 3.12
N ILE A 521 32.04 -5.24 3.55
CA ILE A 521 31.84 -4.93 4.98
C ILE A 521 31.11 -6.03 5.73
N ILE A 522 30.12 -6.62 5.06
CA ILE A 522 29.37 -7.76 5.57
C ILE A 522 30.18 -9.06 5.74
N GLU A 523 31.03 -9.36 4.76
CA GLU A 523 31.89 -10.55 4.85
C GLU A 523 32.82 -10.45 6.06
N GLN A 524 33.35 -9.26 6.31
CA GLN A 524 34.15 -9.02 7.50
C GLN A 524 33.26 -9.25 8.73
N LEU A 525 32.18 -8.49 8.83
CA LEU A 525 31.27 -8.58 9.98
C LEU A 525 30.96 -10.02 10.38
N ILE A 526 30.79 -10.87 9.38
CA ILE A 526 30.44 -12.27 9.63
C ILE A 526 31.63 -13.00 10.24
N LYS A 527 32.82 -12.42 10.06
CA LYS A 527 34.07 -13.02 10.56
C LYS A 527 34.46 -12.61 11.99
N LYS A 528 34.02 -11.45 12.46
CA LYS A 528 34.35 -11.04 13.82
C LYS A 528 33.56 -11.87 14.81
N GLU A 529 33.95 -11.83 16.07
CA GLU A 529 33.18 -12.47 17.12
C GLU A 529 32.35 -11.43 17.85
N LYS A 530 32.76 -10.16 17.77
CA LYS A 530 31.99 -9.05 18.33
C LYS A 530 32.40 -7.78 17.61
N VAL A 531 31.43 -6.91 17.36
CA VAL A 531 31.68 -5.58 16.79
C VAL A 531 30.76 -4.60 17.51
N TYR A 532 31.33 -3.51 17.99
CA TYR A 532 30.49 -2.44 18.51
C TYR A 532 30.64 -1.22 17.64
N LEU A 533 29.50 -0.65 17.25
CA LEU A 533 29.47 0.49 16.38
C LEU A 533 28.88 1.68 17.12
N ALA A 534 29.68 2.72 17.30
CA ALA A 534 29.28 3.94 18.00
C ALA A 534 29.22 5.13 17.04
N TRP A 535 28.31 6.05 17.29
CA TRP A 535 28.25 7.23 16.45
C TRP A 535 28.72 8.43 17.24
N VAL A 536 29.17 9.46 16.54
CA VAL A 536 29.50 10.72 17.18
C VAL A 536 29.30 11.88 16.21
N PRO A 537 28.91 13.04 16.73
CA PRO A 537 28.86 14.30 16.01
C PRO A 537 30.16 14.63 15.29
N ALA A 538 30.07 14.73 13.97
CA ALA A 538 31.23 15.00 13.12
C ALA A 538 31.68 16.43 13.39
N HIS A 539 32.97 16.67 13.22
CA HIS A 539 33.49 18.02 13.27
C HIS A 539 33.36 18.69 14.65
N LYS A 540 32.96 17.92 15.66
CA LYS A 540 32.77 18.49 17.00
C LYS A 540 33.99 18.26 17.90
N GLY A 541 35.05 17.70 17.33
CA GLY A 541 36.32 17.59 18.05
C GLY A 541 36.33 16.58 19.17
N ILE A 542 35.56 15.51 19.00
CA ILE A 542 35.57 14.42 19.96
C ILE A 542 36.89 13.68 19.83
N GLY A 543 37.45 13.27 20.96
CA GLY A 543 38.63 12.43 20.94
C GLY A 543 38.29 10.98 20.65
N GLY A 544 38.76 10.49 19.52
CA GLY A 544 39.64 11.29 18.69
C GLY A 544 39.15 11.34 17.27
N ASN A 545 37.84 11.48 17.10
CA ASN A 545 37.28 11.60 15.76
C ASN A 545 37.76 12.88 15.08
N GLU A 546 38.57 13.67 15.77
CA GLU A 546 39.09 14.88 15.16
C GLU A 546 40.44 14.65 14.49
N GLN A 547 41.16 13.64 14.97
CA GLN A 547 42.47 13.31 14.42
C GLN A 547 42.30 12.50 13.15
N VAL A 548 41.36 11.57 13.19
CA VAL A 548 41.03 10.79 12.02
C VAL A 548 40.61 11.79 10.96
N ASP A 549 39.91 12.83 11.40
CA ASP A 549 39.31 13.81 10.51
C ASP A 549 40.38 14.74 9.96
N LYS A 550 41.40 14.99 10.78
CA LYS A 550 42.49 15.88 10.41
C LYS A 550 43.45 15.21 9.43
N LEU A 551 43.71 13.92 9.64
CA LEU A 551 44.56 13.12 8.75
C LEU A 551 43.88 12.82 7.42
N VAL A 552 42.57 12.61 7.50
CA VAL A 552 41.73 12.15 6.39
C VAL A 552 41.31 13.29 5.47
N SER A 553 41.23 14.49 6.03
CA SER A 553 40.96 15.69 5.24
C SER A 553 42.23 16.31 4.65
N ALA A 554 42.88 15.59 3.75
CA ALA A 554 43.76 16.17 2.74
C ALA A 554 42.95 16.28 1.44
N GLY A 555 41.76 15.66 1.45
CA GLY A 555 40.74 15.97 0.47
C GLY A 555 40.09 17.32 0.75
N PRO B 16 -34.26 17.97 4.24
CA PRO B 16 -34.61 17.11 3.07
C PRO B 16 -35.43 17.89 2.02
N ILE B 17 -34.74 18.46 1.04
CA ILE B 17 -35.42 19.25 0.00
C ILE B 17 -34.48 19.63 -1.15
N GLU B 18 -33.84 20.80 -1.06
CA GLU B 18 -32.89 21.25 -2.08
C GLU B 18 -31.55 21.65 -1.45
N THR B 19 -30.52 21.81 -2.29
CA THR B 19 -29.14 21.69 -1.82
C THR B 19 -28.18 22.84 -2.15
N VAL B 20 -26.97 22.75 -1.60
CA VAL B 20 -25.97 23.81 -1.63
C VAL B 20 -24.79 23.48 -2.52
N PRO B 21 -24.39 24.45 -3.37
CA PRO B 21 -23.33 24.35 -4.39
C PRO B 21 -21.94 24.16 -3.81
N VAL B 22 -21.17 23.24 -4.40
CA VAL B 22 -19.80 22.99 -3.98
C VAL B 22 -18.89 22.87 -5.20
N LYS B 23 -17.60 22.79 -4.96
CA LYS B 23 -16.62 22.90 -6.02
C LYS B 23 -15.30 22.34 -5.54
N LEU B 24 -14.51 21.78 -6.45
CA LEU B 24 -13.17 21.32 -6.10
C LEU B 24 -12.20 22.49 -6.09
N LYS B 25 -11.24 22.45 -5.16
CA LYS B 25 -10.28 23.53 -5.05
C LYS B 25 -9.89 24.00 -6.42
N PRO B 26 -9.85 25.31 -6.63
CA PRO B 26 -9.72 25.88 -7.97
C PRO B 26 -8.50 25.33 -8.73
N GLY B 27 -8.73 24.24 -9.47
CA GLY B 27 -7.69 23.68 -10.32
C GLY B 27 -7.53 22.18 -10.22
N MET B 28 -8.00 21.60 -9.12
CA MET B 28 -7.83 20.17 -8.85
C MET B 28 -8.93 19.36 -9.51
N ASP B 29 -8.66 18.10 -9.81
CA ASP B 29 -9.68 17.18 -10.32
C ASP B 29 -10.10 16.14 -9.28
N GLY B 30 -11.23 15.49 -9.51
CA GLY B 30 -11.73 14.52 -8.56
C GLY B 30 -10.75 13.42 -8.26
N PRO B 31 -11.02 12.62 -7.21
CA PRO B 31 -10.26 11.48 -6.69
C PRO B 31 -10.22 10.32 -7.65
N LYS B 32 -9.03 9.76 -7.88
CA LYS B 32 -8.92 8.52 -8.64
C LYS B 32 -8.05 7.49 -7.93
N VAL B 33 -8.52 7.00 -6.79
CA VAL B 33 -7.78 6.04 -5.97
C VAL B 33 -8.35 4.63 -6.07
N LYS B 34 -7.48 3.64 -6.13
CA LYS B 34 -7.91 2.24 -6.26
C LYS B 34 -8.49 1.66 -4.98
N GLN B 35 -9.44 0.74 -5.12
CA GLN B 35 -9.97 0.01 -3.97
C GLN B 35 -9.00 -1.10 -3.60
N TRP B 36 -8.71 -1.20 -2.31
CA TRP B 36 -7.81 -2.25 -1.87
C TRP B 36 -8.57 -3.49 -1.45
N PRO B 37 -7.89 -4.64 -1.40
CA PRO B 37 -8.61 -5.88 -1.12
C PRO B 37 -9.16 -5.85 0.29
N LEU B 38 -10.31 -6.48 0.49
CA LEU B 38 -11.00 -6.45 1.75
C LEU B 38 -11.28 -7.88 2.17
N THR B 39 -11.43 -8.09 3.47
CA THR B 39 -11.78 -9.41 4.00
C THR B 39 -13.28 -9.65 3.82
N GLU B 40 -13.63 -10.93 3.64
CA GLU B 40 -15.02 -11.35 3.53
C GLU B 40 -15.93 -10.56 4.48
N GLU B 41 -15.54 -10.48 5.75
CA GLU B 41 -16.36 -9.82 6.75
C GLU B 41 -16.58 -8.35 6.42
N LYS B 42 -15.54 -7.65 5.99
CA LYS B 42 -15.67 -6.24 5.69
C LYS B 42 -16.53 -6.04 4.44
N ILE B 43 -16.57 -7.05 3.58
CA ILE B 43 -17.38 -6.97 2.37
C ILE B 43 -18.84 -7.33 2.65
N LYS B 44 -19.08 -8.46 3.31
CA LYS B 44 -20.44 -8.81 3.71
C LYS B 44 -21.09 -7.62 4.39
N ALA B 45 -20.40 -7.06 5.37
CA ALA B 45 -20.85 -5.86 6.06
C ALA B 45 -21.24 -4.77 5.06
N LEU B 46 -20.41 -4.58 4.04
CA LEU B 46 -20.51 -3.42 3.14
C LEU B 46 -21.67 -3.46 2.16
N VAL B 47 -21.93 -4.63 1.60
CA VAL B 47 -23.04 -4.77 0.66
C VAL B 47 -24.33 -4.75 1.48
N GLU B 48 -24.27 -5.17 2.74
CA GLU B 48 -25.44 -5.11 3.58
C GLU B 48 -25.77 -3.64 3.82
N ILE B 49 -24.75 -2.87 4.18
CA ILE B 49 -24.93 -1.47 4.46
C ILE B 49 -25.39 -0.69 3.24
N CYS B 50 -24.80 -1.03 2.09
CA CYS B 50 -25.08 -0.29 0.86
C CYS B 50 -26.36 -0.73 0.18
N THR B 51 -26.80 -1.97 0.42
CA THR B 51 -28.13 -2.37 -0.04
C THR B 51 -29.14 -1.41 0.57
N GLU B 52 -29.02 -1.19 1.88
CA GLU B 52 -29.98 -0.38 2.60
C GLU B 52 -29.96 1.09 2.18
N MET B 53 -28.76 1.65 2.03
CA MET B 53 -28.63 3.04 1.61
C MET B 53 -29.07 3.22 0.16
N GLU B 54 -29.20 2.10 -0.56
CA GLU B 54 -29.80 2.14 -1.89
C GLU B 54 -31.32 2.22 -1.79
N LYS B 55 -31.92 1.33 -1.00
CA LYS B 55 -33.36 1.36 -0.74
C LYS B 55 -33.77 2.74 -0.23
N GLU B 56 -32.89 3.36 0.53
CA GLU B 56 -33.23 4.66 1.10
C GLU B 56 -32.96 5.79 0.12
N GLY B 57 -31.98 5.61 -0.76
CA GLY B 57 -31.70 6.65 -1.73
C GLY B 57 -30.62 7.61 -1.28
N LYS B 58 -29.66 7.10 -0.50
CA LYS B 58 -28.51 7.89 -0.08
C LYS B 58 -27.33 7.64 -1.01
N ILE B 59 -27.25 6.42 -1.55
CA ILE B 59 -26.26 6.09 -2.56
C ILE B 59 -26.96 5.51 -3.79
N SER B 60 -26.56 5.96 -4.97
CA SER B 60 -27.09 5.39 -6.22
C SER B 60 -26.02 4.53 -6.87
N LYS B 61 -26.45 3.56 -7.68
CA LYS B 61 -25.50 2.67 -8.34
C LYS B 61 -25.03 3.29 -9.65
N ILE B 62 -23.74 3.20 -9.93
CA ILE B 62 -23.18 3.79 -11.13
C ILE B 62 -22.28 2.77 -11.82
N GLY B 63 -21.63 3.20 -12.89
CA GLY B 63 -20.76 2.32 -13.64
C GLY B 63 -19.45 2.99 -13.99
N PRO B 64 -18.72 2.47 -14.99
CA PRO B 64 -17.41 3.02 -15.37
C PRO B 64 -17.44 4.45 -15.90
N GLU B 65 -18.57 4.90 -16.44
CA GLU B 65 -18.62 6.24 -17.03
C GLU B 65 -18.22 7.30 -16.01
N ASN B 66 -18.20 6.92 -14.74
CA ASN B 66 -17.72 7.80 -13.70
C ASN B 66 -16.26 7.47 -13.39
N PRO B 67 -15.34 8.35 -13.83
CA PRO B 67 -13.88 8.16 -13.78
C PRO B 67 -13.26 8.17 -12.39
N TYR B 68 -14.06 8.51 -11.39
CA TYR B 68 -13.55 8.78 -10.05
C TYR B 68 -13.73 7.62 -9.09
N ASN B 69 -12.81 7.44 -8.15
CA ASN B 69 -12.97 6.46 -7.11
C ASN B 69 -12.27 6.83 -5.82
N THR B 70 -12.90 6.48 -4.70
CA THR B 70 -12.30 6.56 -3.36
C THR B 70 -12.45 5.22 -2.61
N PRO B 71 -11.44 4.84 -1.83
CA PRO B 71 -11.46 3.53 -1.15
C PRO B 71 -12.56 3.46 -0.11
N VAL B 72 -13.08 2.26 0.13
CA VAL B 72 -13.87 1.99 1.34
C VAL B 72 -13.44 0.71 2.02
N PHE B 73 -13.40 0.75 3.35
CA PHE B 73 -13.51 -0.46 4.17
C PHE B 73 -14.57 -0.25 5.24
N ALA B 74 -14.56 -1.12 6.25
CA ALA B 74 -15.52 -0.98 7.34
C ALA B 74 -14.88 -1.45 8.63
N ILE B 75 -15.28 -0.80 9.72
CA ILE B 75 -14.73 -1.11 11.02
C ILE B 75 -15.87 -1.23 12.02
N LYS B 76 -15.81 -2.26 12.87
CA LYS B 76 -16.58 -2.26 14.10
C LYS B 76 -15.94 -1.19 14.99
N LYS B 77 -16.69 -0.15 15.34
CA LYS B 77 -16.08 0.98 16.03
C LYS B 77 -15.51 0.56 17.38
N LYS B 78 -16.00 -0.55 17.92
CA LYS B 78 -15.35 -1.23 19.05
C LYS B 78 -15.78 -2.68 19.13
N ASP B 79 -15.94 -3.20 20.34
CA ASP B 79 -16.43 -4.55 20.54
C ASP B 79 -17.94 -4.65 20.30
N SER B 80 -18.29 -4.78 19.02
CA SER B 80 -19.67 -4.62 18.59
C SER B 80 -19.96 -5.55 17.42
N THR B 81 -21.24 -5.69 17.10
CA THR B 81 -21.65 -6.40 15.88
C THR B 81 -21.95 -5.37 14.79
N LYS B 82 -22.21 -4.13 15.20
CA LYS B 82 -22.42 -3.04 14.24
C LYS B 82 -21.12 -2.69 13.53
N TRP B 83 -21.13 -2.86 12.21
CA TRP B 83 -20.01 -2.46 11.37
C TRP B 83 -20.20 -1.02 10.93
N ARG B 84 -19.12 -0.26 10.91
CA ARG B 84 -19.21 1.11 10.47
C ARG B 84 -18.49 1.29 9.14
N LYS B 85 -19.26 1.67 8.12
CA LYS B 85 -18.68 2.04 6.85
C LYS B 85 -17.79 3.27 6.98
N LEU B 86 -16.57 3.15 6.46
CA LEU B 86 -15.65 4.27 6.41
C LEU B 86 -15.16 4.45 4.97
N VAL B 87 -15.53 5.55 4.36
CA VAL B 87 -15.01 5.91 3.06
C VAL B 87 -13.83 6.85 3.25
N ASP B 88 -12.64 6.36 2.89
CA ASP B 88 -11.38 7.10 3.01
C ASP B 88 -11.33 8.31 2.10
N PHE B 89 -12.11 9.35 2.42
CA PHE B 89 -12.23 10.53 1.56
C PHE B 89 -10.99 11.43 1.61
N ARG B 90 -9.96 10.95 2.29
CA ARG B 90 -8.70 11.68 2.41
C ARG B 90 -8.38 12.50 1.18
N GLU B 91 -8.51 11.90 0.01
CA GLU B 91 -8.10 12.59 -1.20
C GLU B 91 -9.10 13.65 -1.57
N LEU B 92 -10.37 13.29 -1.57
CA LEU B 92 -11.40 14.21 -1.98
C LEU B 92 -11.38 15.40 -1.05
N ASN B 93 -11.23 15.13 0.24
CA ASN B 93 -11.23 16.21 1.20
C ASN B 93 -10.11 17.18 0.86
N LYS B 94 -8.94 16.62 0.58
CA LYS B 94 -7.78 17.38 0.19
C LYS B 94 -8.06 18.20 -1.07
N ARG B 95 -8.99 17.73 -1.88
CA ARG B 95 -9.27 18.35 -3.18
C ARG B 95 -10.51 19.25 -3.14
N THR B 96 -11.35 19.06 -2.14
CA THR B 96 -12.54 19.88 -1.97
C THR B 96 -12.20 21.33 -1.57
N GLN B 97 -12.94 22.27 -2.15
CA GLN B 97 -12.59 23.69 -2.09
C GLN B 97 -12.28 24.16 -0.68
N ASP B 98 -11.44 25.19 -0.60
CA ASP B 98 -11.15 25.82 0.66
C ASP B 98 -12.45 26.38 1.24
N PHE B 99 -12.97 25.69 2.26
CA PHE B 99 -14.09 26.20 3.03
C PHE B 99 -14.29 25.43 4.32
N TRP B 100 -13.30 24.61 4.68
CA TRP B 100 -13.25 24.02 6.03
C TRP B 100 -12.49 24.99 6.95
N GLU B 101 -11.93 26.03 6.34
CA GLU B 101 -11.34 27.15 7.06
C GLU B 101 -12.07 28.45 6.69
N VAL B 102 -12.44 28.58 5.41
CA VAL B 102 -12.95 29.84 4.87
C VAL B 102 -14.44 30.10 5.09
N GLN B 103 -15.27 29.07 4.92
CA GLN B 103 -16.70 29.21 5.17
C GLN B 103 -17.09 28.65 6.55
N LEU B 104 -16.22 27.79 7.07
CA LEU B 104 -16.37 27.27 8.42
C LEU B 104 -16.29 28.44 9.40
N GLY B 105 -17.17 28.44 10.40
CA GLY B 105 -17.17 29.50 11.38
C GLY B 105 -16.40 29.16 12.64
N ILE B 106 -16.30 27.87 12.93
CA ILE B 106 -15.78 27.39 14.22
C ILE B 106 -14.42 28.00 14.57
N PRO B 107 -14.38 28.81 15.64
CA PRO B 107 -13.13 28.94 16.41
C PRO B 107 -12.96 27.72 17.31
N HIS B 108 -11.73 27.38 17.64
CA HIS B 108 -11.50 26.24 18.51
C HIS B 108 -11.57 26.68 19.96
N PRO B 109 -12.62 26.26 20.68
CA PRO B 109 -12.76 26.65 22.09
C PRO B 109 -11.57 26.14 22.90
N ALA B 110 -10.62 27.04 23.14
CA ALA B 110 -9.32 26.68 23.71
C ALA B 110 -9.43 25.80 24.96
N GLY B 111 -10.62 25.80 25.58
CA GLY B 111 -10.75 25.21 26.90
C GLY B 111 -11.24 23.79 26.92
N LEU B 112 -11.58 23.25 25.76
CA LEU B 112 -12.07 21.88 25.70
C LEU B 112 -10.98 20.93 26.19
N LYS B 113 -9.72 21.33 25.97
CA LYS B 113 -8.57 20.54 26.42
C LYS B 113 -8.38 20.66 27.92
N LYS B 114 -8.98 21.69 28.50
CA LYS B 114 -8.79 22.01 29.93
C LYS B 114 -9.74 21.21 30.82
N LYS B 115 -10.84 20.75 30.22
CA LYS B 115 -11.84 19.98 30.94
C LYS B 115 -11.28 18.74 31.63
N LYS B 116 -12.03 18.21 32.59
CA LYS B 116 -11.68 16.99 33.30
C LYS B 116 -11.97 15.79 32.42
N SER B 117 -13.24 15.65 32.03
CA SER B 117 -13.63 14.53 31.20
C SER B 117 -14.06 15.06 29.84
N VAL B 118 -13.74 14.30 28.78
CA VAL B 118 -14.33 14.51 27.45
C VAL B 118 -14.76 13.18 26.86
N THR B 119 -15.93 13.17 26.22
CA THR B 119 -16.44 11.96 25.60
C THR B 119 -16.48 12.11 24.08
N VAL B 120 -16.18 11.03 23.39
CA VAL B 120 -16.09 11.04 21.92
C VAL B 120 -17.40 10.51 21.35
N LEU B 121 -18.00 11.29 20.46
CA LEU B 121 -19.37 11.06 20.02
C LEU B 121 -19.47 10.85 18.51
N ASP B 122 -19.90 9.67 18.08
CA ASP B 122 -20.07 9.40 16.66
C ASP B 122 -21.45 9.85 16.21
N VAL B 123 -21.51 10.67 15.17
CA VAL B 123 -22.77 11.26 14.76
C VAL B 123 -22.86 11.46 13.26
N GLY B 124 -22.06 10.72 12.50
CA GLY B 124 -22.04 10.92 11.07
C GLY B 124 -23.36 10.53 10.42
N ASP B 125 -23.98 9.51 10.99
CA ASP B 125 -25.24 8.97 10.44
C ASP B 125 -26.32 10.03 10.51
N ALA B 126 -25.92 11.24 10.89
CA ALA B 126 -26.84 12.37 10.95
C ALA B 126 -26.58 13.32 9.80
N TYR B 127 -25.63 12.97 8.94
CA TYR B 127 -25.28 13.80 7.79
C TYR B 127 -26.18 13.53 6.60
N PHE B 128 -26.84 12.37 6.61
CA PHE B 128 -27.54 11.88 5.44
C PHE B 128 -28.79 12.69 5.15
N SER B 129 -29.33 13.30 6.21
CA SER B 129 -30.46 14.20 6.10
C SER B 129 -30.36 15.24 4.98
N VAL B 130 -29.14 15.54 4.53
CA VAL B 130 -28.90 16.70 3.67
C VAL B 130 -28.42 16.40 2.24
N PRO B 131 -29.20 16.83 1.25
CA PRO B 131 -28.88 16.63 -0.18
C PRO B 131 -27.53 17.20 -0.58
N LEU B 132 -26.85 16.48 -1.47
CA LEU B 132 -25.58 16.92 -2.02
C LEU B 132 -25.79 17.52 -3.38
N ASP B 133 -25.08 18.61 -3.65
CA ASP B 133 -25.10 19.25 -4.96
C ASP B 133 -25.20 18.19 -6.05
N GLU B 134 -26.00 18.46 -7.07
CA GLU B 134 -26.22 17.51 -8.14
C GLU B 134 -24.95 17.27 -8.94
N ASP B 135 -24.07 18.26 -8.98
CA ASP B 135 -22.92 18.17 -9.86
C ASP B 135 -21.69 17.66 -9.14
N PHE B 136 -21.83 17.42 -7.84
CA PHE B 136 -20.67 17.09 -7.03
C PHE B 136 -20.69 15.61 -6.71
N ARG B 137 -21.84 15.00 -6.94
CA ARG B 137 -22.04 13.62 -6.57
C ARG B 137 -20.94 12.72 -7.10
N LYS B 138 -20.55 12.93 -8.36
CA LYS B 138 -19.68 11.98 -9.04
C LYS B 138 -18.35 11.76 -8.34
N TYR B 139 -17.81 12.78 -7.71
CA TYR B 139 -16.52 12.65 -7.01
C TYR B 139 -16.60 11.73 -5.80
N THR B 140 -17.81 11.54 -5.29
CA THR B 140 -18.02 10.75 -4.08
C THR B 140 -18.00 9.24 -4.36
N ALA B 141 -17.71 8.87 -5.60
CA ALA B 141 -17.84 7.50 -6.08
C ALA B 141 -16.88 6.52 -5.42
N PHE B 142 -17.34 5.32 -5.13
CA PHE B 142 -16.51 4.30 -4.51
C PHE B 142 -16.96 2.94 -4.99
N THR B 143 -16.07 1.95 -4.85
CA THR B 143 -16.23 0.67 -5.52
C THR B 143 -16.12 -0.44 -4.48
N ILE B 144 -17.17 -1.26 -4.36
CA ILE B 144 -17.08 -2.44 -3.50
C ILE B 144 -16.56 -3.64 -4.26
N PRO B 145 -15.51 -4.27 -3.73
CA PRO B 145 -14.84 -5.44 -4.29
C PRO B 145 -15.64 -6.73 -4.16
N SER B 146 -15.20 -7.76 -4.86
CA SER B 146 -15.80 -9.08 -4.71
C SER B 146 -14.63 -9.95 -4.39
N ILE B 147 -14.85 -11.02 -3.63
CA ILE B 147 -13.70 -11.76 -3.20
C ILE B 147 -13.35 -12.86 -4.20
N ASN B 148 -12.08 -12.95 -4.50
CA ASN B 148 -11.58 -13.82 -5.56
C ASN B 148 -12.09 -13.38 -6.92
N ASN B 149 -12.66 -12.19 -6.95
CA ASN B 149 -12.96 -11.52 -8.21
C ASN B 149 -13.98 -12.27 -9.02
N GLU B 150 -14.96 -12.82 -8.30
CA GLU B 150 -16.05 -13.55 -8.89
C GLU B 150 -16.88 -12.62 -9.75
N THR B 151 -16.99 -11.36 -9.35
CA THR B 151 -17.60 -10.35 -10.21
C THR B 151 -16.67 -9.17 -10.37
N PRO B 152 -17.00 -8.30 -11.32
CA PRO B 152 -16.38 -6.98 -11.40
C PRO B 152 -16.80 -6.15 -10.22
N GLY B 153 -16.14 -5.01 -10.03
CA GLY B 153 -16.50 -4.13 -8.94
C GLY B 153 -17.88 -3.53 -9.12
N ILE B 154 -18.58 -3.36 -8.01
CA ILE B 154 -19.94 -2.78 -7.98
C ILE B 154 -19.89 -1.31 -7.52
N ARG B 155 -20.22 -0.36 -8.40
CA ARG B 155 -19.90 1.04 -8.12
C ARG B 155 -21.07 1.89 -7.59
N TYR B 156 -20.74 2.79 -6.66
CA TYR B 156 -21.72 3.64 -6.00
C TYR B 156 -21.33 5.11 -5.93
N GLN B 157 -22.34 5.94 -5.69
CA GLN B 157 -22.21 7.39 -5.68
C GLN B 157 -23.12 7.94 -4.58
N TYR B 158 -22.85 9.17 -4.14
CA TYR B 158 -23.61 9.77 -3.04
C TYR B 158 -24.64 10.79 -3.50
N ASN B 159 -25.83 10.75 -2.91
CA ASN B 159 -26.83 11.79 -3.13
C ASN B 159 -27.09 12.63 -1.87
N VAL B 160 -26.33 12.35 -0.82
CA VAL B 160 -26.51 13.03 0.46
C VAL B 160 -25.14 13.31 1.08
N LEU B 161 -25.05 14.29 1.96
CA LEU B 161 -23.79 14.57 2.63
C LEU B 161 -23.22 13.26 3.11
N PRO B 162 -21.99 12.93 2.68
CA PRO B 162 -21.31 11.69 3.04
C PRO B 162 -20.56 11.78 4.37
N GLN B 163 -20.56 10.69 5.13
CA GLN B 163 -19.79 10.66 6.35
C GLN B 163 -18.33 10.51 5.98
N GLY B 164 -17.47 11.35 6.55
CA GLY B 164 -16.07 11.28 6.23
C GLY B 164 -15.61 12.41 5.33
N TRP B 165 -16.57 13.01 4.62
CA TRP B 165 -16.26 14.17 3.76
C TRP B 165 -16.27 15.45 4.56
N LYS B 166 -15.32 16.34 4.28
CA LYS B 166 -15.12 17.51 5.12
C LYS B 166 -16.09 18.63 4.78
N GLY B 167 -16.65 18.57 3.58
CA GLY B 167 -17.72 19.48 3.24
C GLY B 167 -18.99 19.18 4.02
N SER B 168 -19.04 18.03 4.68
CA SER B 168 -20.30 17.60 5.27
C SER B 168 -20.69 18.40 6.52
N PRO B 169 -19.76 18.58 7.48
CA PRO B 169 -20.07 19.38 8.67
C PRO B 169 -20.05 20.88 8.38
N ALA B 170 -19.37 21.25 7.30
CA ALA B 170 -19.27 22.64 6.91
C ALA B 170 -20.58 23.09 6.27
N ILE B 171 -21.55 22.18 6.20
CA ILE B 171 -22.85 22.47 5.60
C ILE B 171 -23.95 22.22 6.60
N PHE B 172 -23.87 21.07 7.25
CA PHE B 172 -24.83 20.66 8.25
C PHE B 172 -24.54 21.45 9.53
N GLN B 173 -23.90 22.60 9.37
CA GLN B 173 -23.43 23.39 10.51
C GLN B 173 -24.53 24.31 11.02
N SER B 174 -25.13 25.09 10.13
CA SER B 174 -26.23 25.96 10.52
C SER B 174 -27.21 25.12 11.31
N SER B 175 -27.60 23.99 10.75
CA SER B 175 -28.48 23.06 11.43
C SER B 175 -27.84 22.61 12.73
N MET B 176 -26.57 22.19 12.66
CA MET B 176 -25.87 21.72 13.84
C MET B 176 -25.87 22.78 14.93
N THR B 177 -25.43 23.99 14.60
CA THR B 177 -25.43 25.10 15.55
C THR B 177 -26.82 25.24 16.18
N LYS B 178 -27.86 24.93 15.42
CA LYS B 178 -29.22 24.95 15.95
C LYS B 178 -29.45 23.77 16.91
N ILE B 179 -29.21 22.56 16.44
CA ILE B 179 -29.65 21.35 17.13
C ILE B 179 -29.28 21.36 18.62
N LEU B 180 -28.37 22.24 18.99
CA LEU B 180 -27.87 22.27 20.36
C LEU B 180 -28.24 23.54 21.10
N GLU B 181 -29.00 24.42 20.45
CA GLU B 181 -29.32 25.72 21.00
C GLU B 181 -29.82 25.62 22.45
N PRO B 182 -30.87 24.81 22.67
CA PRO B 182 -31.26 24.51 24.05
C PRO B 182 -30.15 23.90 24.89
N PHE B 183 -29.85 22.63 24.66
CA PHE B 183 -28.89 21.90 25.51
C PHE B 183 -27.68 22.75 25.86
N ARG B 184 -27.24 23.57 24.91
CA ARG B 184 -26.11 24.46 25.14
C ARG B 184 -26.48 25.57 26.13
N LYS B 185 -27.52 26.34 25.81
CA LYS B 185 -27.97 27.39 26.71
C LYS B 185 -28.18 26.82 28.10
N GLN B 186 -28.84 25.66 28.16
CA GLN B 186 -29.19 25.03 29.42
C GLN B 186 -27.96 24.42 30.09
N ASN B 187 -26.78 24.68 29.53
CA ASN B 187 -25.54 24.15 30.09
C ASN B 187 -24.33 25.02 29.76
N PRO B 188 -24.31 26.27 30.22
CA PRO B 188 -23.19 27.19 29.97
C PRO B 188 -21.80 26.70 30.40
N ASP B 189 -21.73 25.56 31.07
CA ASP B 189 -20.44 24.96 31.37
C ASP B 189 -20.36 23.49 30.99
N ILE B 190 -20.77 23.20 29.76
CA ILE B 190 -20.41 21.98 29.06
C ILE B 190 -20.14 22.33 27.60
N VAL B 191 -18.91 22.06 27.15
CA VAL B 191 -18.44 22.53 25.84
C VAL B 191 -18.50 21.45 24.77
N ILE B 192 -19.01 21.83 23.59
CA ILE B 192 -19.21 20.90 22.50
C ILE B 192 -18.47 21.36 21.25
N TYR B 193 -17.85 20.41 20.54
CA TYR B 193 -17.07 20.72 19.34
C TYR B 193 -17.34 19.69 18.25
N GLN B 194 -17.50 20.18 17.03
CA GLN B 194 -17.83 19.33 15.88
C GLN B 194 -16.66 19.29 14.89
N TYR B 195 -15.82 18.27 14.99
CA TYR B 195 -14.82 17.98 13.97
C TYR B 195 -15.28 16.79 13.14
N MET B 196 -15.77 17.06 11.93
CA MET B 196 -16.17 16.01 11.02
C MET B 196 -17.16 15.04 11.66
N ASP B 197 -17.08 13.78 11.26
CA ASP B 197 -18.04 12.77 11.71
C ASP B 197 -18.22 12.78 13.21
N ASP B 198 -17.18 13.14 13.95
CA ASP B 198 -17.24 13.02 15.40
C ASP B 198 -17.64 14.32 16.10
N LEU B 199 -18.26 14.14 17.26
CA LEU B 199 -18.71 15.26 18.09
C LEU B 199 -18.00 15.14 19.43
N TYR B 200 -17.25 16.17 19.80
CA TYR B 200 -16.47 16.11 21.04
C TYR B 200 -17.09 16.96 22.13
N VAL B 201 -17.62 16.29 23.15
CA VAL B 201 -18.28 16.98 24.24
C VAL B 201 -17.71 16.48 25.57
N GLY B 202 -17.35 17.42 26.43
CA GLY B 202 -16.82 17.07 27.73
C GLY B 202 -17.05 18.15 28.77
N SER B 203 -17.11 17.74 30.04
CA SER B 203 -17.28 18.67 31.14
C SER B 203 -16.43 18.26 32.34
N ASP B 204 -16.31 19.17 33.31
CA ASP B 204 -15.49 18.93 34.49
C ASP B 204 -16.26 18.15 35.55
N LEU B 205 -17.56 18.03 35.35
CA LEU B 205 -18.43 17.28 36.25
C LEU B 205 -17.76 16.01 36.77
N GLU B 206 -18.34 15.45 37.82
CA GLU B 206 -17.82 14.24 38.43
C GLU B 206 -17.79 13.09 37.42
N ILE B 207 -16.99 12.06 37.71
CA ILE B 207 -16.89 10.91 36.83
C ILE B 207 -18.24 10.34 36.42
N GLY B 208 -19.15 10.24 37.37
CA GLY B 208 -20.39 9.50 37.12
C GLY B 208 -21.56 10.30 36.58
N GLN B 209 -21.71 11.54 37.06
CA GLN B 209 -22.82 12.38 36.62
C GLN B 209 -22.49 13.07 35.31
N HIS B 210 -21.23 12.94 34.88
CA HIS B 210 -20.82 13.31 33.53
C HIS B 210 -21.41 12.29 32.55
N ARG B 211 -21.05 11.02 32.74
CA ARG B 211 -21.57 9.94 31.92
C ARG B 211 -23.05 10.14 31.66
N THR B 212 -23.81 10.37 32.73
CA THR B 212 -25.26 10.44 32.63
C THR B 212 -25.73 11.83 32.24
N LYS B 213 -24.79 12.70 31.89
CA LYS B 213 -25.12 13.99 31.31
C LYS B 213 -24.88 13.94 29.79
N ILE B 214 -23.91 13.13 29.38
CA ILE B 214 -23.71 12.83 27.96
C ILE B 214 -24.89 12.04 27.45
N GLU B 215 -25.25 11.01 28.20
CA GLU B 215 -26.38 10.18 27.86
C GLU B 215 -27.62 11.04 27.64
N GLU B 216 -27.68 12.15 28.37
CA GLU B 216 -28.82 13.05 28.30
C GLU B 216 -28.73 13.99 27.10
N LEU B 217 -27.58 13.98 26.44
CA LEU B 217 -27.43 14.70 25.18
C LEU B 217 -27.88 13.80 24.03
N ARG B 218 -27.71 12.49 24.19
CA ARG B 218 -28.22 11.54 23.22
C ARG B 218 -29.71 11.75 23.04
N GLN B 219 -30.38 12.22 24.09
CA GLN B 219 -31.82 12.42 24.04
C GLN B 219 -32.17 13.77 23.46
N HIS B 220 -31.43 14.81 23.83
CA HIS B 220 -31.59 16.09 23.16
C HIS B 220 -31.15 15.90 21.72
N LEU B 221 -30.61 14.71 21.44
CA LEU B 221 -30.28 14.31 20.08
C LEU B 221 -31.39 13.45 19.50
N LEU B 222 -31.49 12.22 20.00
CA LEU B 222 -32.37 11.19 19.42
C LEU B 222 -33.75 11.71 19.05
N ARG B 223 -34.23 12.71 19.77
CA ARG B 223 -35.51 13.33 19.45
C ARG B 223 -35.45 13.96 18.06
N TRP B 224 -34.26 14.45 17.70
CA TRP B 224 -33.96 14.73 16.30
C TRP B 224 -33.51 13.43 15.63
N GLY B 225 -32.28 13.02 15.92
CA GLY B 225 -31.70 11.83 15.32
C GLY B 225 -30.22 11.98 14.99
N LEU B 226 -29.49 10.87 14.94
CA LEU B 226 -30.05 9.55 15.15
C LEU B 226 -28.96 8.63 15.71
N TYR B 244 -16.12 6.37 23.75
CA TYR B 244 -15.36 5.77 24.88
C TYR B 244 -14.75 6.85 25.78
N GLU B 245 -14.11 6.42 26.87
CA GLU B 245 -13.57 7.34 27.86
C GLU B 245 -12.39 8.11 27.27
N LEU B 246 -12.08 9.26 27.86
CA LEU B 246 -10.88 10.02 27.48
C LEU B 246 -10.73 11.29 28.31
N HIS B 247 -9.73 11.33 29.19
CA HIS B 247 -9.53 12.48 30.06
C HIS B 247 -8.33 13.31 29.64
N PRO B 248 -8.59 14.54 29.18
CA PRO B 248 -7.66 15.42 28.45
C PRO B 248 -6.49 15.95 29.25
N ASP B 249 -6.77 16.65 30.35
CA ASP B 249 -5.73 17.37 31.06
C ASP B 249 -4.77 16.42 31.79
N LYS B 250 -4.58 15.24 31.22
CA LYS B 250 -3.69 14.23 31.79
C LYS B 250 -2.99 13.39 30.70
N TRP B 251 -2.58 14.04 29.61
CA TRP B 251 -1.76 13.42 28.56
C TRP B 251 -0.28 13.74 28.77
N THR B 252 0.11 13.88 30.04
CA THR B 252 1.33 14.57 30.45
C THR B 252 2.44 14.64 29.39
N VAL B 253 3.03 15.83 29.27
CA VAL B 253 4.18 16.03 28.41
C VAL B 253 5.30 15.08 28.89
N GLN B 254 6.09 14.57 27.96
CA GLN B 254 7.24 13.73 28.31
C GLN B 254 8.55 14.48 28.10
N PRO B 255 9.38 14.57 29.16
CA PRO B 255 10.63 15.34 29.15
C PRO B 255 11.77 14.67 28.38
N ILE B 256 12.78 15.45 28.02
CA ILE B 256 14.01 14.91 27.44
C ILE B 256 15.04 14.73 28.54
N VAL B 257 15.59 13.52 28.65
CA VAL B 257 16.25 13.09 29.88
C VAL B 257 17.74 12.69 29.71
N LEU B 258 18.52 12.88 30.77
CA LEU B 258 19.94 12.50 30.78
C LEU B 258 20.22 11.42 31.82
N PRO B 259 20.98 10.38 31.44
CA PRO B 259 21.31 9.32 32.40
C PRO B 259 22.29 9.83 33.44
N GLU B 260 21.91 9.76 34.71
CA GLU B 260 22.91 10.01 35.76
C GLU B 260 23.59 8.70 36.12
N LYS B 261 24.90 8.78 36.35
CA LYS B 261 25.70 7.61 36.74
C LYS B 261 26.71 8.04 37.79
N ASP B 262 27.08 7.10 38.67
CA ASP B 262 28.12 7.38 39.66
C ASP B 262 29.49 7.29 38.99
N SER B 263 29.59 6.44 37.97
CA SER B 263 30.83 6.33 37.21
C SER B 263 30.58 6.43 35.70
N TRP B 264 31.36 7.27 35.02
CA TRP B 264 31.21 7.44 33.58
C TRP B 264 32.33 6.79 32.79
N THR B 265 32.05 6.46 31.53
CA THR B 265 33.08 5.93 30.64
C THR B 265 33.24 6.80 29.39
N VAL B 266 34.26 6.51 28.60
CA VAL B 266 34.40 7.18 27.33
C VAL B 266 33.13 7.00 26.49
N ASN B 267 32.62 5.78 26.43
CA ASN B 267 31.42 5.50 25.66
C ASN B 267 30.19 6.21 26.24
N ASP B 268 30.11 6.32 27.56
CA ASP B 268 29.01 6.99 28.22
C ASP B 268 29.04 8.49 27.95
N ILE B 269 30.23 9.07 28.01
CA ILE B 269 30.39 10.49 27.74
C ILE B 269 30.14 10.82 26.26
N GLN B 270 30.53 9.91 25.37
CA GLN B 270 30.37 10.14 23.96
C GLN B 270 28.91 10.06 23.55
N LYS B 271 28.14 9.25 24.28
CA LYS B 271 26.70 9.21 24.06
C LYS B 271 26.05 10.44 24.69
N LEU B 272 26.54 10.86 25.84
CA LEU B 272 26.08 12.11 26.42
C LEU B 272 26.35 13.31 25.52
N VAL B 273 27.56 13.42 24.99
CA VAL B 273 27.90 14.53 24.12
C VAL B 273 27.07 14.45 22.84
N GLY B 274 26.56 13.26 22.53
CA GLY B 274 25.83 13.06 21.31
C GLY B 274 24.41 13.58 21.44
N LYS B 275 23.78 13.25 22.56
CA LYS B 275 22.42 13.68 22.81
C LYS B 275 22.32 15.18 22.99
N LEU B 276 23.05 15.72 23.96
CA LEU B 276 23.08 17.16 24.22
C LEU B 276 23.43 17.99 22.98
N ASN B 277 24.36 17.49 22.17
CA ASN B 277 24.68 18.14 20.90
C ASN B 277 23.37 18.38 20.16
N TRP B 278 22.62 17.31 19.96
CA TRP B 278 21.38 17.39 19.22
C TRP B 278 20.39 18.29 19.94
N ALA B 279 20.03 17.92 21.17
CA ALA B 279 19.13 18.71 21.97
C ALA B 279 19.46 20.19 21.88
N SER B 280 20.70 20.51 21.58
CA SER B 280 21.11 21.91 21.56
C SER B 280 20.52 22.69 20.38
N GLN B 281 19.66 22.03 19.60
CA GLN B 281 18.94 22.71 18.53
C GLN B 281 17.51 23.00 18.96
N ILE B 282 17.02 22.24 19.94
CA ILE B 282 15.70 22.48 20.50
C ILE B 282 15.84 23.42 21.69
N TYR B 283 16.97 23.32 22.38
CA TYR B 283 17.26 24.20 23.51
C TYR B 283 18.57 24.92 23.24
N PRO B 284 18.50 26.24 23.10
CA PRO B 284 19.62 27.07 22.65
C PRO B 284 20.82 27.10 23.60
N GLY B 285 20.55 26.97 24.89
CA GLY B 285 21.60 27.21 25.88
C GLY B 285 22.48 26.02 26.17
N ILE B 286 21.96 24.83 25.91
CA ILE B 286 22.70 23.58 26.15
C ILE B 286 24.12 23.67 25.60
N LYS B 287 25.10 23.60 26.49
CA LYS B 287 26.50 23.57 26.08
C LYS B 287 27.14 22.21 26.39
N VAL B 288 28.10 21.81 25.55
CA VAL B 288 28.76 20.51 25.70
C VAL B 288 30.28 20.65 25.70
N ARG B 289 30.77 21.88 25.88
CA ARG B 289 32.17 22.19 25.59
C ARG B 289 33.14 21.62 26.60
N GLN B 290 32.67 21.46 27.84
CA GLN B 290 33.51 20.91 28.88
C GLN B 290 33.55 19.37 28.84
N LEU B 291 32.46 18.77 28.37
CA LEU B 291 32.37 17.31 28.30
C LEU B 291 33.14 16.78 27.11
N SER B 292 33.24 17.58 26.05
CA SER B 292 33.90 17.16 24.82
C SER B 292 35.41 17.15 24.95
N LYS B 293 35.91 17.79 26.00
CA LYS B 293 37.34 17.87 26.23
C LYS B 293 37.83 16.85 27.26
N LEU B 294 36.90 16.13 27.89
CA LEU B 294 37.21 14.89 28.59
C LEU B 294 37.58 13.78 27.59
N LEU B 295 37.08 13.93 26.36
CA LEU B 295 37.42 13.03 25.24
C LEU B 295 38.69 13.56 24.56
N ARG B 296 39.71 13.78 25.37
CA ARG B 296 40.97 14.35 24.90
C ARG B 296 41.82 13.24 24.31
N GLY B 297 41.72 13.07 23.00
CA GLY B 297 42.55 12.09 22.32
C GLY B 297 41.86 10.74 22.27
N THR B 298 42.59 9.71 21.88
CA THR B 298 41.97 8.47 21.46
C THR B 298 41.80 7.41 22.54
N LYS B 299 40.92 7.68 23.49
CA LYS B 299 40.67 6.73 24.56
C LYS B 299 39.92 5.53 24.01
N ALA B 300 40.09 4.38 24.65
CA ALA B 300 39.34 3.20 24.32
C ALA B 300 37.96 3.39 24.92
N LEU B 301 36.96 2.70 24.38
CA LEU B 301 35.58 2.98 24.71
C LEU B 301 35.20 2.74 26.16
N THR B 302 35.82 1.75 26.81
CA THR B 302 35.32 1.36 28.12
C THR B 302 36.16 1.93 29.25
N GLU B 303 37.19 2.67 28.88
CA GLU B 303 38.02 3.37 29.85
C GLU B 303 37.10 4.23 30.67
N VAL B 304 37.30 4.27 31.99
CA VAL B 304 36.54 5.20 32.80
C VAL B 304 37.16 6.58 32.82
N ILE B 305 36.31 7.59 32.79
CA ILE B 305 36.74 8.95 32.88
C ILE B 305 36.27 9.53 34.20
N PRO B 306 37.22 10.01 35.01
CA PRO B 306 36.86 10.87 36.15
C PRO B 306 36.29 12.20 35.65
N LEU B 307 34.99 12.39 35.87
CA LEU B 307 34.35 13.65 35.56
C LEU B 307 35.02 14.77 36.35
N THR B 308 35.45 15.82 35.67
CA THR B 308 36.10 16.93 36.34
C THR B 308 35.10 17.91 36.95
N GLU B 309 35.61 19.00 37.49
CA GLU B 309 34.79 19.99 38.17
C GLU B 309 33.78 20.65 37.23
N GLU B 310 34.29 21.34 36.21
CA GLU B 310 33.42 22.02 35.26
C GLU B 310 32.59 21.04 34.46
N ALA B 311 33.18 19.90 34.13
CA ALA B 311 32.42 18.84 33.49
C ALA B 311 31.09 18.66 34.23
N GLU B 312 31.15 18.10 35.43
CA GLU B 312 29.95 17.76 36.19
C GLU B 312 29.06 18.97 36.42
N LEU B 313 29.65 20.15 36.40
CA LEU B 313 28.89 21.38 36.63
C LEU B 313 28.49 22.04 35.30
N GLU B 314 28.68 21.32 34.21
CA GLU B 314 28.14 21.75 32.92
C GLU B 314 26.91 20.94 32.58
N LEU B 315 26.97 19.64 32.85
CA LEU B 315 25.84 18.75 32.59
C LEU B 315 24.83 18.87 33.72
N ALA B 316 25.31 19.27 34.89
CA ALA B 316 24.44 19.58 36.01
C ALA B 316 23.55 20.74 35.59
N GLU B 317 24.15 21.76 35.02
CA GLU B 317 23.39 22.88 34.52
C GLU B 317 22.56 22.48 33.30
N ASN B 318 23.19 21.81 32.34
CA ASN B 318 22.48 21.39 31.13
C ASN B 318 21.19 20.66 31.50
N ARG B 319 21.23 19.88 32.57
CA ARG B 319 20.08 19.09 32.98
C ARG B 319 19.00 20.01 33.57
N GLU B 320 19.36 21.28 33.74
CA GLU B 320 18.42 22.30 34.19
C GLU B 320 17.66 22.86 33.00
N ILE B 321 18.41 23.17 31.93
CA ILE B 321 17.77 23.67 30.72
C ILE B 321 16.70 22.70 30.26
N LEU B 322 16.99 21.41 30.32
CA LEU B 322 16.04 20.40 29.86
C LEU B 322 14.77 20.33 30.70
N LYS B 323 14.74 21.10 31.79
CA LYS B 323 13.57 21.17 32.64
C LYS B 323 12.57 22.16 32.06
N GLU B 324 13.08 23.34 31.71
CA GLU B 324 12.26 24.45 31.24
C GLU B 324 11.56 24.12 29.91
N PRO B 325 10.33 24.62 29.71
CA PRO B 325 9.60 24.48 28.45
C PRO B 325 10.35 25.09 27.25
N VAL B 326 9.89 24.80 26.03
CA VAL B 326 10.41 25.50 24.87
C VAL B 326 9.70 26.84 24.82
N HIS B 327 10.46 27.89 24.61
CA HIS B 327 9.90 29.23 24.65
C HIS B 327 9.58 29.74 23.24
N GLY B 328 8.36 30.24 23.06
CA GLY B 328 8.01 30.80 21.77
C GLY B 328 7.73 29.73 20.74
N VAL B 329 6.69 28.95 21.00
CA VAL B 329 6.16 28.03 20.00
C VAL B 329 4.64 28.09 20.00
N TYR B 330 4.08 28.46 18.84
CA TYR B 330 2.67 28.79 18.72
C TYR B 330 2.00 28.13 17.52
N TYR B 331 0.84 27.54 17.75
CA TYR B 331 0.12 26.83 16.69
C TYR B 331 -0.38 27.79 15.63
N ASP B 332 -0.17 27.40 14.38
CA ASP B 332 -0.68 28.17 13.25
C ASP B 332 -1.78 27.31 12.61
N PRO B 333 -3.05 27.63 12.90
CA PRO B 333 -4.15 26.87 12.32
C PRO B 333 -4.12 26.85 10.80
N SER B 334 -3.43 27.83 10.21
CA SER B 334 -3.26 27.84 8.76
C SER B 334 -2.28 26.76 8.34
N LYS B 335 -1.17 26.65 9.07
CA LYS B 335 -0.10 25.74 8.71
C LYS B 335 -0.39 24.29 9.04
N ASP B 336 0.49 23.41 8.59
CA ASP B 336 0.25 21.98 8.70
C ASP B 336 0.81 21.41 10.00
N LEU B 337 -0.02 20.63 10.68
CA LEU B 337 0.38 19.92 11.88
C LEU B 337 1.12 18.62 11.51
N ILE B 338 2.26 18.38 12.17
CA ILE B 338 3.11 17.25 11.84
C ILE B 338 3.46 16.44 13.07
N ALA B 339 2.89 15.24 13.18
CA ALA B 339 3.30 14.31 14.23
C ALA B 339 4.49 13.50 13.70
N GLU B 340 5.33 13.02 14.60
CA GLU B 340 6.49 12.26 14.22
C GLU B 340 6.72 11.24 15.34
N ILE B 341 6.98 9.99 14.97
CA ILE B 341 7.02 8.94 15.96
C ILE B 341 8.28 8.11 15.88
N GLN B 342 8.66 7.56 17.02
CA GLN B 342 9.84 6.69 17.14
C GLN B 342 9.47 5.48 17.97
N LYS B 343 9.97 4.34 17.54
CA LYS B 343 9.85 3.11 18.31
C LYS B 343 10.99 3.13 19.31
N GLN B 344 10.67 3.10 20.58
CA GLN B 344 11.69 3.02 21.63
C GLN B 344 11.88 1.57 22.01
N GLY B 345 10.84 0.80 21.80
CA GLY B 345 10.85 -0.59 22.21
C GLY B 345 10.12 -0.76 23.53
N GLN B 346 9.87 -2.01 23.89
CA GLN B 346 9.10 -2.31 25.09
C GLN B 346 7.77 -1.58 25.06
N GLY B 347 7.16 -1.56 23.88
CA GLY B 347 5.82 -1.02 23.76
C GLY B 347 5.74 0.44 24.14
N GLN B 348 6.90 1.10 24.15
CA GLN B 348 6.98 2.53 24.42
C GLN B 348 7.34 3.26 23.12
N TRP B 349 6.47 4.17 22.69
CA TRP B 349 6.74 4.95 21.48
C TRP B 349 6.73 6.42 21.85
N THR B 350 7.74 7.16 21.41
CA THR B 350 7.79 8.59 21.71
C THR B 350 7.33 9.38 20.49
N TYR B 351 6.66 10.51 20.72
CA TYR B 351 6.19 11.36 19.63
C TYR B 351 6.37 12.85 19.87
N GLN B 352 6.53 13.60 18.79
CA GLN B 352 6.43 15.05 18.86
C GLN B 352 5.34 15.52 17.92
N ILE B 353 4.59 16.53 18.33
CA ILE B 353 3.89 17.37 17.36
C ILE B 353 4.70 18.63 17.12
N TYR B 354 4.62 19.18 15.91
CA TYR B 354 5.44 20.31 15.58
C TYR B 354 5.09 20.86 14.21
N GLN B 355 5.35 22.15 13.99
CA GLN B 355 5.07 22.73 12.69
C GLN B 355 6.35 23.22 12.06
N GLU B 356 7.14 23.95 12.82
CA GLU B 356 8.50 24.19 12.37
C GLU B 356 9.43 23.22 13.07
N PRO B 357 10.25 22.50 12.29
CA PRO B 357 11.07 21.43 12.86
C PRO B 357 11.88 21.93 14.07
N PHE B 358 11.73 21.23 15.19
CA PHE B 358 12.41 21.56 16.43
C PHE B 358 11.58 22.44 17.37
N LYS B 359 10.52 23.03 16.83
CA LYS B 359 9.61 23.79 17.69
C LYS B 359 8.36 22.97 18.01
N ASN B 360 8.54 21.94 18.83
CA ASN B 360 7.47 20.98 19.10
C ASN B 360 6.35 21.54 19.98
N LEU B 361 5.14 21.58 19.44
CA LEU B 361 3.98 22.03 20.20
C LEU B 361 3.75 21.14 21.41
N LYS B 362 4.25 19.91 21.34
CA LYS B 362 4.08 18.94 22.41
C LYS B 362 5.02 17.77 22.13
N THR B 363 5.34 17.01 23.16
CA THR B 363 6.08 15.78 23.01
C THR B 363 5.51 14.82 24.03
N GLY B 364 5.47 13.53 23.72
CA GLY B 364 4.85 12.61 24.65
C GLY B 364 5.37 11.21 24.53
N LYS B 365 4.91 10.32 25.41
CA LYS B 365 5.17 8.90 25.22
C LYS B 365 3.89 8.10 25.29
N TYR B 366 3.80 7.11 24.40
CA TYR B 366 2.76 6.10 24.45
C TYR B 366 3.39 4.86 25.07
N ALA B 367 3.36 4.81 26.39
CA ALA B 367 3.92 3.67 27.12
C ALA B 367 2.89 2.55 27.14
N ARG B 368 3.29 1.39 26.66
CA ARG B 368 2.54 0.17 26.88
C ARG B 368 3.44 -0.76 27.68
N MET B 369 2.84 -1.54 28.56
CA MET B 369 3.63 -2.26 29.55
C MET B 369 4.65 -3.20 28.90
N ARG B 370 4.22 -4.42 28.61
CA ARG B 370 5.14 -5.44 28.09
C ARG B 370 4.57 -6.13 26.86
N THR B 374 2.73 -9.01 22.02
CA THR B 374 2.95 -7.59 21.60
C THR B 374 3.04 -7.44 20.08
N ASN B 375 2.03 -6.77 19.52
CA ASN B 375 1.93 -6.54 18.09
C ASN B 375 2.44 -5.13 17.72
N ASP B 376 3.63 -5.09 17.14
CA ASP B 376 4.29 -3.84 16.81
C ASP B 376 3.40 -2.91 16.00
N VAL B 377 2.53 -3.50 15.17
CA VAL B 377 1.75 -2.73 14.21
C VAL B 377 0.44 -2.25 14.82
N LYS B 378 -0.19 -3.09 15.64
CA LYS B 378 -1.37 -2.63 16.35
C LYS B 378 -0.94 -1.50 17.25
N GLN B 379 0.17 -1.72 17.94
CA GLN B 379 0.72 -0.71 18.85
C GLN B 379 0.77 0.66 18.14
N LEU B 380 1.42 0.70 16.99
CA LEU B 380 1.77 1.95 16.33
C LEU B 380 0.57 2.58 15.64
N THR B 381 -0.41 1.76 15.25
CA THR B 381 -1.63 2.30 14.70
C THR B 381 -2.45 2.94 15.82
N GLU B 382 -2.44 2.33 16.99
CA GLU B 382 -3.16 2.87 18.12
C GLU B 382 -2.50 4.14 18.60
N ALA B 383 -1.17 4.15 18.57
CA ALA B 383 -0.44 5.36 18.84
C ALA B 383 -0.85 6.54 17.96
N VAL B 384 -1.29 6.28 16.73
CA VAL B 384 -1.62 7.42 15.89
C VAL B 384 -3.07 7.84 16.08
N GLN B 385 -3.85 6.99 16.75
CA GLN B 385 -5.20 7.39 17.07
C GLN B 385 -5.21 8.22 18.35
N LYS B 386 -4.42 7.81 19.33
CA LYS B 386 -4.38 8.54 20.58
C LYS B 386 -3.89 9.95 20.29
N ILE B 387 -2.80 10.03 19.55
CA ILE B 387 -2.22 11.33 19.17
C ILE B 387 -3.19 12.20 18.37
N THR B 388 -3.83 11.61 17.37
CA THR B 388 -4.66 12.39 16.47
C THR B 388 -5.72 13.09 17.30
N THR B 389 -6.45 12.29 18.08
CA THR B 389 -7.45 12.83 18.99
C THR B 389 -6.89 14.05 19.70
N GLU B 390 -5.82 13.86 20.48
CA GLU B 390 -5.21 14.96 21.21
C GLU B 390 -5.11 16.17 20.31
N SER B 391 -4.63 15.94 19.09
CA SER B 391 -4.44 17.04 18.16
C SER B 391 -5.77 17.74 17.90
N ILE B 392 -6.79 16.97 17.52
CA ILE B 392 -8.13 17.51 17.33
C ILE B 392 -8.57 18.27 18.57
N VAL B 393 -8.35 17.68 19.73
CA VAL B 393 -8.83 18.21 21.00
C VAL B 393 -8.10 19.51 21.34
N ILE B 394 -6.79 19.47 21.22
CA ILE B 394 -5.97 20.63 21.49
C ILE B 394 -5.96 21.67 20.35
N TRP B 395 -5.85 21.24 19.09
CA TRP B 395 -5.78 22.19 17.99
C TRP B 395 -6.93 22.14 17.00
N GLY B 396 -7.71 21.07 17.06
CA GLY B 396 -8.92 21.02 16.26
C GLY B 396 -8.70 20.61 14.82
N LYS B 397 -7.46 20.32 14.47
CA LYS B 397 -7.18 19.62 13.24
C LYS B 397 -6.39 18.34 13.55
N THR B 398 -6.00 17.61 12.51
CA THR B 398 -5.22 16.39 12.69
C THR B 398 -3.86 16.57 12.06
N PRO B 399 -2.84 15.85 12.57
CA PRO B 399 -1.48 15.92 12.04
C PRO B 399 -1.43 15.21 10.69
N LYS B 400 -0.33 15.43 9.97
CA LYS B 400 0.14 14.45 9.02
C LYS B 400 1.27 13.70 9.71
N PHE B 401 1.14 12.37 9.81
CA PHE B 401 2.15 11.57 10.51
C PHE B 401 3.32 11.16 9.65
N LYS B 402 4.49 11.06 10.28
CA LYS B 402 5.67 10.54 9.60
C LYS B 402 6.00 9.27 10.34
N LEU B 403 5.67 8.14 9.74
CA LEU B 403 5.66 6.88 10.44
C LEU B 403 6.97 6.12 10.26
N PRO B 404 7.40 5.44 11.32
CA PRO B 404 8.58 4.58 11.43
C PRO B 404 8.20 3.13 11.09
N ILE B 405 7.73 2.94 9.87
CA ILE B 405 7.33 1.64 9.40
C ILE B 405 7.38 1.68 7.88
N GLN B 406 7.52 0.50 7.26
CA GLN B 406 7.60 0.41 5.81
C GLN B 406 6.20 0.38 5.18
N LYS B 407 6.02 1.09 4.07
CA LYS B 407 4.70 1.27 3.51
C LYS B 407 3.95 -0.04 3.40
N GLU B 408 4.52 -0.98 2.67
CA GLU B 408 3.98 -2.33 2.54
C GLU B 408 3.43 -2.89 3.85
N THR B 409 4.21 -2.77 4.91
CA THR B 409 3.85 -3.30 6.22
C THR B 409 2.64 -2.59 6.82
N TRP B 410 2.74 -1.27 6.95
CA TRP B 410 1.64 -0.46 7.45
C TRP B 410 0.35 -0.82 6.73
N GLU B 411 0.46 -0.97 5.41
CA GLU B 411 -0.70 -1.09 4.54
C GLU B 411 -1.35 -2.46 4.49
N THR B 412 -0.55 -3.49 4.73
CA THR B 412 -1.09 -4.85 4.85
C THR B 412 -2.06 -4.90 6.03
N TRP B 413 -1.70 -4.27 7.15
CA TRP B 413 -2.40 -4.57 8.41
C TRP B 413 -3.17 -3.51 9.16
N TRP B 414 -3.05 -2.24 8.77
CA TRP B 414 -3.49 -1.19 9.66
C TRP B 414 -5.00 -1.04 9.78
N THR B 415 -5.76 -1.43 8.77
CA THR B 415 -7.21 -1.27 8.87
C THR B 415 -7.82 -2.30 9.79
N GLU B 416 -7.01 -3.24 10.27
CA GLU B 416 -7.48 -4.30 11.16
C GLU B 416 -7.62 -3.77 12.60
N TYR B 417 -7.08 -2.59 12.86
CA TYR B 417 -7.01 -2.04 14.21
C TYR B 417 -7.54 -0.61 14.28
N TRP B 418 -7.95 -0.07 13.14
CA TRP B 418 -8.50 1.27 13.12
C TRP B 418 -9.90 1.26 13.71
N GLN B 419 -10.30 2.41 14.27
CA GLN B 419 -11.45 2.50 15.17
C GLN B 419 -12.11 3.86 15.08
N ALA B 420 -11.53 4.75 14.27
CA ALA B 420 -12.00 6.13 14.20
C ALA B 420 -13.05 6.29 13.12
N THR B 421 -13.37 7.54 12.79
CA THR B 421 -14.21 7.87 11.66
C THR B 421 -13.46 8.87 10.80
N TRP B 422 -12.38 9.39 11.33
CA TRP B 422 -11.48 10.24 10.55
C TRP B 422 -10.27 9.40 10.22
N ILE B 423 -9.48 9.88 9.26
CA ILE B 423 -8.21 9.26 8.95
C ILE B 423 -7.21 10.39 8.69
N PRO B 424 -6.14 10.43 9.49
CA PRO B 424 -5.08 11.42 9.35
C PRO B 424 -4.27 11.09 8.13
N GLU B 425 -3.69 12.10 7.50
CA GLU B 425 -2.72 11.80 6.46
C GLU B 425 -1.52 11.12 7.08
N TRP B 426 -0.74 10.42 6.29
CA TRP B 426 0.53 9.93 6.76
C TRP B 426 1.54 9.82 5.63
N GLU B 427 2.79 9.58 5.99
CA GLU B 427 3.82 9.24 5.01
C GLU B 427 4.87 8.45 5.76
N PHE B 428 5.67 7.68 5.05
CA PHE B 428 6.55 6.75 5.74
C PHE B 428 7.98 7.25 5.81
N VAL B 429 8.64 7.02 6.94
CA VAL B 429 9.98 7.53 7.14
C VAL B 429 11.01 6.42 7.39
N ASN B 430 12.21 6.66 6.91
CA ASN B 430 13.34 5.79 7.20
C ASN B 430 14.29 6.46 8.19
N THR B 431 13.94 6.44 9.48
CA THR B 431 14.66 7.22 10.47
C THR B 431 16.09 6.78 10.71
N PRO B 432 16.96 7.73 11.10
CA PRO B 432 18.27 7.41 11.68
C PRO B 432 18.09 6.91 13.10
N PRO B 433 18.85 5.88 13.48
CA PRO B 433 18.76 5.28 14.82
C PRO B 433 19.21 6.24 15.91
N LEU B 434 19.65 7.42 15.51
CA LEU B 434 20.12 8.44 16.46
C LEU B 434 18.94 9.00 17.25
N VAL B 435 17.92 9.47 16.54
CA VAL B 435 16.73 10.05 17.18
C VAL B 435 16.00 8.94 17.94
N LYS B 436 16.23 7.70 17.53
CA LYS B 436 15.80 6.54 18.31
C LYS B 436 16.37 6.67 19.72
N LEU B 437 17.42 7.46 19.85
CA LEU B 437 18.30 7.41 21.01
C LEU B 437 18.35 8.75 21.76
N TRP B 438 17.53 9.70 21.33
CA TRP B 438 17.51 11.03 21.94
C TRP B 438 16.33 11.18 22.90
N TYR B 439 15.48 10.16 22.93
CA TYR B 439 14.35 10.14 23.86
C TYR B 439 14.40 8.92 24.76
N GLN B 440 15.59 8.34 24.93
CA GLN B 440 15.77 7.16 25.75
C GLN B 440 15.59 7.47 27.24
N LEU B 441 14.89 6.58 27.95
CA LEU B 441 14.74 6.66 29.41
C LEU B 441 15.63 5.55 30.02
N GLU B 442 15.54 5.37 31.34
CA GLU B 442 16.14 4.21 32.02
C GLU B 442 15.84 4.25 33.52
C1 URT C 21 -11.73 -14.04 -21.26
F1 URT C 21 -12.40 -12.01 -24.16
N1 URT C 21 -9.78 -11.68 -22.73
O1 URT C 21 -10.91 -12.88 -21.02
P1 URT C 21 -9.67 -17.38 -20.64
C2 URT C 21 -12.38 -13.75 -22.55
N2 URT C 21 -7.74 -12.04 -23.70
O2 URT C 21 -10.90 -15.12 -21.42
C3 URT C 21 -11.99 -12.58 -23.00
N3 URT C 21 -9.95 -9.24 -22.91
C4 URT C 21 -11.06 -11.95 -22.09
N4 URT C 21 -7.97 -8.32 -23.99
C5 URT C 21 -9.33 -10.46 -23.08
N5 URT C 21 -6.20 -9.60 -24.74
C6 URT C 21 -8.04 -10.71 -23.69
C7 URT C 21 -8.79 -12.57 -23.12
C8 URT C 21 -9.21 -8.22 -23.39
O4 URT C 21 -8.78 -17.07 -21.76
C9 URT C 21 -7.37 -9.54 -24.16
C10 URT C 21 -11.20 -16.26 -20.62
O8 URT C 21 -10.15 -18.76 -20.38
MG MG E . 32.97 12.00 8.46
S SO4 F . 1.36 -3.13 -16.26
O1 SO4 F . 1.79 -1.74 -16.00
O2 SO4 F . 0.89 -3.77 -15.02
O3 SO4 F . 0.25 -3.15 -17.24
O4 SO4 F . 2.50 -3.89 -16.80
S SO4 G . -2.15 -4.89 -21.80
O1 SO4 G . -2.22 -3.44 -22.11
O2 SO4 G . -3.31 -5.28 -21.00
O3 SO4 G . -2.14 -5.67 -23.04
O4 SO4 G . -0.92 -5.16 -21.02
#